data_8VLW
#
_entry.id   8VLW
#
_cell.length_a   1.00
_cell.length_b   1.00
_cell.length_c   1.00
_cell.angle_alpha   90.00
_cell.angle_beta   90.00
_cell.angle_gamma   90.00
#
_symmetry.space_group_name_H-M   'P 1'
#
loop_
_entity.id
_entity.type
_entity.pdbx_description
1 polymer 'Tol-Pal system protein TolQ'
2 polymer 'Tol-Pal system protein TolR'
#
loop_
_entity_poly.entity_id
_entity_poly.type
_entity_poly.pdbx_seq_one_letter_code
_entity_poly.pdbx_strand_id
1 'polypeptide(L)'
;STLHISDLILQASPVVQLVMLILLLASIFSWYLIAKLHMSYKKARQDDEHFQKMFWSGAELNTLYNNAQLNSKRSGLEDI
FYQGLSEFFKLKKRQAPTSQMIEGTERILRVGLSRDQGSLEYGLGTLASIGSVAPYIGLFGTVWGIMNAFIGLAAVDQVT
LATVAPGIAEALIATAIGLFAAIPAVLAFNHFTAKSESVYSDRALFAEEMIALLQRQSVG
;
A,E,D,C,B
2 'polypeptide(L)' GRFERIKKPLKSDMNVVPYIDVMLVLLVIFMVTAPMITS F,G
#
# COMPACT_ATOMS: atom_id res chain seq x y z
N SER A 1 -1.51 39.64 5.10
CA SER A 1 -2.92 39.15 5.00
C SER A 1 -3.89 40.28 5.33
N THR A 2 -4.42 40.27 6.54
CA THR A 2 -5.39 41.27 7.01
C THR A 2 -5.31 41.36 8.53
N LEU A 3 -5.50 42.56 9.04
CA LEU A 3 -5.48 42.79 10.50
C LEU A 3 -6.52 41.97 11.25
N HIS A 4 -7.56 41.53 10.57
CA HIS A 4 -8.56 40.65 11.19
C HIS A 4 -7.97 39.33 11.68
N ILE A 5 -7.00 38.81 10.96
CA ILE A 5 -6.28 37.60 11.43
C ILE A 5 -5.51 37.92 12.71
N SER A 6 -4.90 39.10 12.78
CA SER A 6 -4.21 39.53 14.01
C SER A 6 -5.20 39.64 15.18
N ASP A 7 -6.38 40.19 14.91
CA ASP A 7 -7.40 40.31 15.95
C ASP A 7 -7.80 38.91 16.44
N LEU A 8 -7.89 37.96 15.52
CA LEU A 8 -8.36 36.62 15.90
C LEU A 8 -7.27 35.88 16.63
N ILE A 9 -6.01 36.11 16.33
CA ILE A 9 -4.93 35.32 16.97
C ILE A 9 -4.55 35.94 18.27
N LEU A 10 -4.71 37.24 18.46
CA LEU A 10 -4.29 37.84 19.77
C LEU A 10 -5.34 37.63 20.84
N GLN A 11 -6.48 37.02 20.58
CA GLN A 11 -7.44 36.67 21.63
C GLN A 11 -8.24 35.46 21.18
N ALA A 12 -8.41 34.50 22.06
CA ALA A 12 -9.13 33.24 21.78
C ALA A 12 -9.38 32.49 23.08
N SER A 13 -10.07 31.38 22.98
CA SER A 13 -10.24 30.44 24.12
C SER A 13 -8.88 29.89 24.50
N PRO A 14 -8.60 29.66 25.80
CA PRO A 14 -7.23 29.34 26.21
C PRO A 14 -6.67 28.03 25.63
N VAL A 15 -7.49 27.01 25.54
CA VAL A 15 -6.99 25.73 24.97
C VAL A 15 -6.84 25.89 23.47
N VAL A 16 -7.64 26.70 22.83
CA VAL A 16 -7.46 27.03 21.41
C VAL A 16 -6.14 27.77 21.21
N GLN A 17 -5.82 28.67 22.11
CA GLN A 17 -4.52 29.38 22.08
C GLN A 17 -3.39 28.40 22.23
N LEU A 18 -3.54 27.44 23.13
CA LEU A 18 -2.49 26.41 23.32
C LEU A 18 -2.32 25.60 22.03
N VAL A 19 -3.41 25.25 21.36
CA VAL A 19 -3.32 24.47 20.12
C VAL A 19 -2.64 25.29 19.07
N MET A 20 -2.99 26.56 18.90
CA MET A 20 -2.27 27.41 17.92
C MET A 20 -0.77 27.52 18.25
N LEU A 21 -0.45 27.64 19.54
CA LEU A 21 0.96 27.75 19.94
C LEU A 21 1.71 26.49 19.59
N ILE A 22 1.12 25.32 19.87
CA ILE A 22 1.81 24.05 19.58
C ILE A 22 1.94 23.89 18.08
N LEU A 23 0.96 24.26 17.30
CA LEU A 23 1.09 24.13 15.83
C LEU A 23 2.13 25.09 15.28
N LEU A 24 2.21 26.30 15.81
CA LEU A 24 3.27 27.23 15.36
C LEU A 24 4.65 26.70 15.69
N LEU A 25 4.83 26.19 16.90
CA LEU A 25 6.13 25.61 17.28
C LEU A 25 6.45 24.41 16.41
N ALA A 26 5.46 23.59 16.10
CA ALA A 26 5.69 22.43 15.21
C ALA A 26 6.11 22.89 13.83
N SER A 27 5.48 23.94 13.31
CA SER A 27 5.84 24.48 11.99
C SER A 27 7.29 25.00 11.99
N ILE A 28 7.66 25.73 13.02
CA ILE A 28 9.03 26.27 13.10
C ILE A 28 10.03 25.13 13.19
N PHE A 29 9.75 24.13 14.01
CA PHE A 29 10.66 22.99 14.17
C PHE A 29 10.78 22.25 12.86
N SER A 30 9.67 22.06 12.15
CA SER A 30 9.70 21.35 10.85
C SER A 30 10.56 22.13 9.87
N TRP A 31 10.40 23.45 9.81
CA TRP A 31 11.19 24.23 8.84
C TRP A 31 12.68 24.14 9.15
N TYR A 32 13.02 24.25 10.44
CA TYR A 32 14.43 24.14 10.85
C TYR A 32 15.00 22.78 10.42
N LEU A 33 14.24 21.71 10.69
CA LEU A 33 14.79 20.38 10.39
C LEU A 33 14.85 20.18 8.89
N ILE A 34 13.92 20.73 8.13
CA ILE A 34 14.01 20.64 6.65
C ILE A 34 15.28 21.30 6.16
N ALA A 35 15.58 22.49 6.65
CA ALA A 35 16.81 23.18 6.21
C ALA A 35 18.05 22.35 6.56
N LYS A 36 18.11 21.86 7.81
CA LYS A 36 19.31 21.15 8.25
C LYS A 36 19.50 19.86 7.45
N LEU A 37 18.43 19.09 7.28
CA LEU A 37 18.53 17.81 6.58
C LEU A 37 18.74 18.02 5.08
N HIS A 38 18.25 19.10 4.52
CA HIS A 38 18.62 19.47 3.14
C HIS A 38 20.12 19.69 3.01
N MET A 39 20.69 20.45 3.92
CA MET A 39 22.15 20.68 3.90
C MET A 39 22.88 19.34 4.04
N SER A 40 22.42 18.47 4.93
CA SER A 40 23.06 17.17 5.14
C SER A 40 23.01 16.32 3.85
N TYR A 41 21.84 16.27 3.20
CA TYR A 41 21.72 15.50 1.96
C TYR A 41 22.59 16.06 0.82
N LYS A 42 22.64 17.38 0.71
CA LYS A 42 23.47 17.98 -0.33
C LYS A 42 24.95 17.65 -0.10
N LYS A 43 25.41 17.75 1.14
CA LYS A 43 26.79 17.39 1.45
C LYS A 43 27.05 15.92 1.16
N ALA A 44 26.11 15.06 1.52
CA ALA A 44 26.30 13.61 1.29
C ALA A 44 26.38 13.32 -0.21
N ARG A 45 25.50 13.93 -1.00
CA ARG A 45 25.51 13.72 -2.45
C ARG A 45 26.84 14.20 -3.07
N GLN A 46 27.31 15.37 -2.66
CA GLN A 46 28.55 15.91 -3.21
C GLN A 46 29.72 14.98 -2.87
N ASP A 47 29.80 14.54 -1.61
CA ASP A 47 30.91 13.65 -1.24
C ASP A 47 30.81 12.33 -1.99
N ASP A 48 29.58 11.82 -2.13
CA ASP A 48 29.39 10.57 -2.87
C ASP A 48 29.90 10.68 -4.29
N GLU A 49 29.51 11.72 -4.99
CA GLU A 49 29.92 11.84 -6.42
C GLU A 49 31.41 12.07 -6.49
N HIS A 50 31.99 12.83 -5.57
CA HIS A 50 33.44 13.05 -5.59
C HIS A 50 34.19 11.73 -5.43
N PHE A 51 33.76 10.89 -4.47
CA PHE A 51 34.50 9.64 -4.29
C PHE A 51 34.18 8.67 -5.42
N GLN A 52 33.02 8.71 -5.99
CA GLN A 52 32.75 7.85 -7.18
C GLN A 52 33.72 8.18 -8.31
N LYS A 53 33.86 9.44 -8.60
CA LYS A 53 34.83 9.85 -9.66
C LYS A 53 36.26 9.49 -9.29
N MET A 54 36.62 9.65 -7.99
CA MET A 54 37.99 9.30 -7.59
C MET A 54 38.25 7.79 -7.68
N PHE A 55 37.23 6.98 -7.37
CA PHE A 55 37.39 5.54 -7.42
C PHE A 55 37.46 5.01 -8.85
N TRP A 56 36.58 5.53 -9.72
CA TRP A 56 36.66 5.14 -11.13
C TRP A 56 37.60 6.02 -11.92
N SER A 57 38.50 6.78 -11.27
CA SER A 57 39.50 7.58 -11.96
C SER A 57 40.69 6.76 -12.41
N GLY A 58 40.63 5.45 -12.30
CA GLY A 58 41.71 4.54 -12.70
C GLY A 58 42.78 4.36 -11.65
N ALA A 59 42.59 4.90 -10.46
CA ALA A 59 43.62 4.82 -9.41
C ALA A 59 43.73 3.40 -8.90
N GLU A 60 44.94 3.04 -8.48
CA GLU A 60 45.18 1.68 -7.96
C GLU A 60 44.48 1.52 -6.60
N LEU A 61 43.97 0.33 -6.36
CA LEU A 61 43.00 0.12 -5.25
C LEU A 61 43.68 0.32 -3.89
N ASN A 62 44.86 -0.24 -3.72
CA ASN A 62 45.58 -0.10 -2.43
C ASN A 62 45.96 1.34 -2.20
N THR A 63 46.22 2.12 -3.25
CA THR A 63 46.45 3.56 -3.07
C THR A 63 45.20 4.24 -2.48
N LEU A 64 44.02 3.84 -2.96
CA LEU A 64 42.79 4.39 -2.41
C LEU A 64 42.62 3.98 -0.94
N TYR A 65 43.01 2.75 -0.62
CA TYR A 65 42.97 2.30 0.78
C TYR A 65 43.88 3.14 1.65
N ASN A 66 45.08 3.43 1.17
CA ASN A 66 46.02 4.27 1.94
C ASN A 66 45.51 5.69 2.04
N ASN A 67 44.84 6.19 1.03
CA ASN A 67 44.18 7.52 1.14
C ASN A 67 43.11 7.49 2.21
N ALA A 68 42.36 6.39 2.29
CA ALA A 68 41.38 6.23 3.38
C ALA A 68 42.07 6.20 4.74
N GLN A 69 43.23 5.59 4.82
CA GLN A 69 44.05 5.61 6.04
C GLN A 69 44.42 7.04 6.42
N LEU A 70 44.96 7.79 5.49
CA LEU A 70 45.53 9.13 5.81
C LEU A 70 44.43 10.15 5.96
N ASN A 71 43.24 9.90 5.44
CA ASN A 71 42.11 10.82 5.69
C ASN A 71 41.73 10.73 7.16
N SER A 72 41.43 11.90 7.74
CA SER A 72 41.08 12.03 9.17
C SER A 72 39.57 12.13 9.35
N LYS A 73 38.83 12.66 8.39
CA LYS A 73 37.40 12.95 8.56
C LYS A 73 36.60 12.21 7.50
N ARG A 74 36.87 10.94 7.32
CA ARG A 74 36.13 10.11 6.36
C ARG A 74 34.67 9.99 6.81
N SER A 75 33.77 10.03 5.84
CA SER A 75 32.33 9.92 6.12
C SER A 75 31.62 9.43 4.88
N GLY A 76 30.34 9.16 5.00
CA GLY A 76 29.53 8.70 3.85
C GLY A 76 30.01 7.40 3.26
N LEU A 77 30.14 7.41 1.95
CA LEU A 77 30.56 6.19 1.21
C LEU A 77 32.04 5.90 1.46
N GLU A 78 32.80 6.91 1.82
CA GLU A 78 34.23 6.70 2.13
C GLU A 78 34.42 5.68 3.25
N ASP A 79 33.70 5.88 4.33
CA ASP A 79 33.71 4.95 5.46
C ASP A 79 33.18 3.59 5.04
N ILE A 80 32.26 3.56 4.10
CA ILE A 80 31.71 2.28 3.61
C ILE A 80 32.82 1.48 2.92
N PHE A 81 33.50 2.15 1.97
CA PHE A 81 34.65 1.55 1.31
C PHE A 81 35.66 1.09 2.33
N TYR A 82 35.91 1.95 3.35
CA TYR A 82 36.99 1.66 4.30
C TYR A 82 36.64 0.42 5.11
N GLN A 83 35.45 0.35 5.65
CA GLN A 83 35.01 -0.82 6.42
C GLN A 83 35.06 -2.08 5.56
N GLY A 84 34.47 -2.02 4.37
CA GLY A 84 34.43 -3.22 3.52
C GLY A 84 35.81 -3.75 3.20
N LEU A 85 36.69 -2.91 2.68
CA LEU A 85 37.99 -3.39 2.24
C LEU A 85 38.89 -3.69 3.43
N SER A 86 38.73 -2.97 4.56
CA SER A 86 39.53 -3.31 5.74
C SER A 86 39.18 -4.69 6.23
N GLU A 87 37.89 -5.01 6.29
CA GLU A 87 37.49 -6.35 6.73
C GLU A 87 37.91 -7.37 5.68
N PHE A 88 37.94 -7.00 4.40
CA PHE A 88 38.45 -7.91 3.38
C PHE A 88 39.90 -8.28 3.62
N PHE A 89 40.72 -7.29 3.85
CA PHE A 89 42.15 -7.56 4.17
C PHE A 89 42.26 -8.28 5.50
N LYS A 90 41.37 -8.03 6.46
CA LYS A 90 41.46 -8.75 7.73
C LYS A 90 41.17 -10.24 7.55
N LEU A 91 40.24 -10.57 6.68
CA LEU A 91 40.01 -11.97 6.33
C LEU A 91 41.03 -12.51 5.37
N LYS A 92 41.82 -11.66 4.73
CA LYS A 92 42.90 -12.12 3.85
C LYS A 92 44.14 -12.46 4.66
N LYS A 93 44.36 -11.75 5.76
CA LYS A 93 45.53 -12.05 6.61
C LYS A 93 45.44 -13.47 7.18
N ARG A 94 44.32 -13.77 7.79
CA ARG A 94 44.03 -15.18 8.13
C ARG A 94 43.75 -15.97 6.85
N GLN A 95 44.19 -17.23 6.84
CA GLN A 95 44.00 -18.03 5.60
C GLN A 95 42.53 -18.37 5.46
N ALA A 96 41.90 -17.76 4.45
CA ALA A 96 40.48 -17.95 4.16
C ALA A 96 40.31 -18.14 2.64
N PRO A 97 39.35 -18.98 2.21
CA PRO A 97 39.10 -19.11 0.78
C PRO A 97 38.39 -17.87 0.24
N THR A 98 38.49 -17.69 -1.05
CA THR A 98 38.05 -16.43 -1.70
C THR A 98 36.55 -16.16 -1.52
N SER A 99 35.75 -17.21 -1.60
CA SER A 99 34.29 -17.11 -1.48
C SER A 99 33.91 -16.54 -0.12
N GLN A 100 34.50 -17.04 0.96
CA GLN A 100 34.15 -16.55 2.29
C GLN A 100 34.61 -15.10 2.47
N MET A 101 35.76 -14.76 1.90
CA MET A 101 36.26 -13.40 1.93
C MET A 101 35.26 -12.46 1.25
N ILE A 102 34.78 -12.85 0.08
CA ILE A 102 33.81 -12.00 -0.62
C ILE A 102 32.50 -11.91 0.14
N GLU A 103 32.04 -13.01 0.72
CA GLU A 103 30.79 -13.00 1.47
C GLU A 103 30.93 -12.12 2.69
N GLY A 104 32.04 -12.20 3.41
CA GLY A 104 32.23 -11.34 4.58
C GLY A 104 32.30 -9.88 4.21
N THR A 105 33.01 -9.56 3.14
CA THR A 105 33.08 -8.16 2.67
C THR A 105 31.70 -7.64 2.27
N GLU A 106 30.91 -8.50 1.61
CA GLU A 106 29.55 -8.12 1.24
C GLU A 106 28.73 -7.84 2.49
N ARG A 107 28.85 -8.70 3.51
CA ARG A 107 28.04 -8.50 4.72
C ARG A 107 28.47 -7.25 5.45
N ILE A 108 29.74 -6.96 5.52
CA ILE A 108 30.19 -5.72 6.22
C ILE A 108 29.77 -4.50 5.43
N LEU A 109 29.82 -4.55 4.09
CA LEU A 109 29.33 -3.41 3.31
C LEU A 109 27.84 -3.20 3.57
N ARG A 110 27.05 -4.29 3.59
CA ARG A 110 25.61 -4.12 3.80
C ARG A 110 25.29 -3.57 5.19
N VAL A 111 25.99 -4.06 6.19
CA VAL A 111 25.76 -3.57 7.58
C VAL A 111 26.15 -2.10 7.63
N GLY A 112 27.32 -1.74 7.11
CA GLY A 112 27.74 -0.35 7.18
C GLY A 112 26.82 0.55 6.41
N LEU A 113 26.34 0.12 5.30
CA LEU A 113 25.47 0.93 4.42
C LEU A 113 24.14 1.15 5.10
N SER A 114 23.55 0.12 5.70
CA SER A 114 22.32 0.30 6.48
C SER A 114 22.56 1.25 7.65
N ARG A 115 23.69 1.09 8.33
CA ARG A 115 24.03 2.01 9.44
C ARG A 115 24.09 3.48 9.00
N ASP A 116 24.79 3.74 7.91
CA ASP A 116 24.99 5.10 7.42
C ASP A 116 23.68 5.67 6.88
N GLN A 117 22.88 4.83 6.22
CA GLN A 117 21.57 5.28 5.73
C GLN A 117 20.64 5.65 6.90
N GLY A 118 20.67 4.84 7.98
CA GLY A 118 19.91 5.19 9.15
C GLY A 118 20.39 6.48 9.78
N SER A 119 21.72 6.67 9.85
CA SER A 119 22.28 7.89 10.42
C SER A 119 22.06 9.07 9.50
N LEU A 120 21.73 8.85 8.22
CA LEU A 120 21.59 10.00 7.31
C LEU A 120 20.21 10.65 7.46
N GLU A 121 19.15 9.86 7.33
CA GLU A 121 17.78 10.35 7.48
C GLU A 121 17.45 10.47 8.97
N TYR A 122 17.95 11.52 9.58
CA TYR A 122 17.83 11.68 11.03
C TYR A 122 16.40 12.01 11.41
N GLY A 123 15.92 13.15 10.93
CA GLY A 123 14.62 13.68 11.29
C GLY A 123 13.51 13.43 10.31
N LEU A 124 13.66 12.45 9.41
CA LEU A 124 12.60 12.19 8.42
C LEU A 124 11.33 11.67 9.11
N GLY A 125 11.52 10.85 10.15
CA GLY A 125 10.36 10.36 10.89
C GLY A 125 9.62 11.48 11.58
N THR A 126 10.34 12.51 12.01
CA THR A 126 9.68 13.69 12.61
C THR A 126 8.80 14.39 11.59
N LEU A 127 9.26 14.54 10.35
CA LEU A 127 8.41 15.11 9.30
C LEU A 127 7.19 14.21 9.07
N ALA A 128 7.40 12.88 9.08
CA ALA A 128 6.25 11.98 8.92
C ALA A 128 5.21 12.22 10.01
N SER A 129 5.68 12.28 11.26
CA SER A 129 4.77 12.47 12.41
C SER A 129 4.06 13.81 12.32
N ILE A 130 4.78 14.87 11.99
CA ILE A 130 4.17 16.21 11.92
C ILE A 130 3.14 16.25 10.81
N GLY A 131 3.50 15.76 9.65
CA GLY A 131 2.56 15.76 8.51
C GLY A 131 1.36 14.89 8.76
N SER A 132 1.49 13.88 9.64
CA SER A 132 0.33 13.04 9.95
C SER A 132 -0.52 13.55 11.12
N VAL A 133 0.03 14.31 11.99
CA VAL A 133 -0.61 14.70 13.28
C VAL A 133 -1.13 16.15 13.27
N ALA A 134 -0.43 17.02 12.59
CA ALA A 134 -0.77 18.47 12.64
C ALA A 134 -2.22 18.75 12.20
N PRO A 135 -2.72 18.28 11.04
CA PRO A 135 -4.05 18.70 10.64
C PRO A 135 -5.12 18.13 11.56
N TYR A 136 -4.91 16.98 12.17
CA TYR A 136 -5.95 16.42 13.05
C TYR A 136 -5.95 17.09 14.41
N ILE A 137 -4.81 17.50 14.90
CA ILE A 137 -4.79 18.32 16.14
C ILE A 137 -5.40 19.68 15.87
N GLY A 138 -5.17 20.26 14.71
CA GLY A 138 -5.87 21.50 14.38
C GLY A 138 -7.35 21.31 14.25
N LEU A 139 -7.78 20.16 13.71
CA LEU A 139 -9.20 19.82 13.64
C LEU A 139 -9.80 19.70 15.04
N PHE A 140 -9.08 19.08 15.95
N PHE A 140 -9.08 19.07 15.96
CA PHE A 140 -9.54 18.97 17.35
CA PHE A 140 -9.55 18.96 17.35
C PHE A 140 -9.68 20.36 17.95
C PHE A 140 -9.68 20.36 17.95
N GLY A 141 -8.71 21.22 17.71
CA GLY A 141 -8.77 22.61 18.20
C GLY A 141 -10.00 23.32 17.66
N THR A 142 -10.28 23.19 16.39
CA THR A 142 -11.41 23.94 15.80
C THR A 142 -12.73 23.32 16.26
N VAL A 143 -12.79 22.02 16.47
CA VAL A 143 -14.04 21.41 16.99
C VAL A 143 -14.27 21.89 18.41
N TRP A 144 -13.23 21.94 19.23
CA TRP A 144 -13.39 22.44 20.59
C TRP A 144 -13.79 23.91 20.54
N GLY A 145 -13.27 24.68 19.60
CA GLY A 145 -13.67 26.09 19.51
C GLY A 145 -15.13 26.26 19.15
N ILE A 146 -15.64 25.48 18.21
CA ILE A 146 -17.04 25.59 17.82
C ILE A 146 -17.93 25.12 18.96
N MET A 147 -17.53 24.04 19.63
CA MET A 147 -18.32 23.56 20.78
C MET A 147 -18.34 24.60 21.90
N ASN A 148 -17.23 25.24 22.18
CA ASN A 148 -17.17 26.31 23.18
C ASN A 148 -18.04 27.49 22.77
N ALA A 149 -18.03 27.86 21.51
CA ALA A 149 -18.86 28.95 20.99
C ALA A 149 -20.33 28.61 21.19
N PHE A 150 -20.72 27.37 20.95
CA PHE A 150 -22.13 27.00 21.15
C PHE A 150 -22.53 26.94 22.64
N ILE A 151 -21.68 26.34 23.46
CA ILE A 151 -21.98 26.23 24.90
C ILE A 151 -21.98 27.58 25.56
N GLY A 152 -21.16 28.51 25.10
CA GLY A 152 -21.22 29.91 25.58
C GLY A 152 -22.57 30.54 25.36
N LEU A 153 -23.37 30.04 24.43
CA LEU A 153 -24.77 30.44 24.28
C LEU A 153 -25.71 29.29 24.65
N ALA A 154 -25.26 28.37 25.52
CA ALA A 154 -26.17 27.34 26.05
C ALA A 154 -27.25 28.07 26.90
N ALA A 155 -26.86 29.06 27.68
CA ALA A 155 -27.78 30.13 28.09
C ALA A 155 -28.27 30.72 26.77
N VAL A 156 -29.52 30.54 26.41
CA VAL A 156 -29.93 30.49 24.98
C VAL A 156 -29.62 31.81 24.28
N ASP A 157 -29.90 32.96 24.92
CA ASP A 157 -29.81 34.27 24.26
C ASP A 157 -30.52 34.20 22.90
N GLN A 158 -29.77 33.88 21.86
CA GLN A 158 -30.31 33.38 20.59
C GLN A 158 -29.19 32.70 19.82
N VAL A 159 -29.48 31.59 19.19
CA VAL A 159 -28.46 30.80 18.46
C VAL A 159 -28.52 31.17 16.99
N THR A 160 -28.94 32.36 16.70
CA THR A 160 -28.97 32.87 15.31
C THR A 160 -27.56 32.90 14.74
N LEU A 161 -27.47 32.75 13.42
CA LEU A 161 -26.14 32.59 12.78
C LEU A 161 -25.27 33.83 12.92
N ALA A 162 -25.90 35.00 12.84
CA ALA A 162 -25.17 36.27 12.90
C ALA A 162 -24.52 36.49 14.28
N THR A 163 -24.97 35.76 15.29
CA THR A 163 -24.38 35.89 16.63
C THR A 163 -23.27 34.87 16.90
N VAL A 164 -23.42 33.70 16.35
CA VAL A 164 -22.44 32.60 16.62
C VAL A 164 -21.36 32.59 15.55
N ALA A 165 -21.53 33.39 14.49
CA ALA A 165 -20.51 33.42 13.40
C ALA A 165 -19.10 33.77 13.90
N PRO A 166 -18.86 34.77 14.77
CA PRO A 166 -17.51 35.04 15.20
C PRO A 166 -16.88 33.90 16.00
N GLY A 167 -17.67 33.11 16.68
CA GLY A 167 -17.16 32.00 17.44
C GLY A 167 -16.62 30.88 16.60
N ILE A 168 -17.15 30.75 15.38
CA ILE A 168 -16.66 29.76 14.41
C ILE A 168 -15.51 30.35 13.62
N ALA A 169 -15.56 31.65 13.41
CA ALA A 169 -14.46 32.37 12.73
C ALA A 169 -13.17 32.24 13.55
N GLU A 170 -13.26 32.39 14.83
CA GLU A 170 -12.07 32.20 15.72
C GLU A 170 -11.63 30.73 15.68
N ALA A 171 -12.59 29.83 15.64
CA ALA A 171 -12.30 28.39 15.74
C ALA A 171 -11.53 27.92 14.49
N LEU A 172 -11.93 28.39 13.31
CA LEU A 172 -11.34 27.89 12.07
C LEU A 172 -9.83 28.21 11.93
N ILE A 173 -9.32 29.09 12.76
CA ILE A 173 -7.89 29.38 12.80
C ILE A 173 -7.12 28.12 13.16
N ALA A 174 -7.67 27.30 14.02
CA ALA A 174 -6.97 26.05 14.42
C ALA A 174 -6.70 25.16 13.22
N THR A 175 -7.73 24.84 12.47
CA THR A 175 -7.58 23.91 11.33
C THR A 175 -6.81 24.59 10.21
N ALA A 176 -6.96 25.93 10.04
CA ALA A 176 -6.17 26.61 9.02
C ALA A 176 -4.68 26.49 9.32
N ILE A 177 -4.32 26.75 10.56
CA ILE A 177 -2.90 26.66 10.98
C ILE A 177 -2.45 25.22 10.92
N GLY A 178 -3.31 24.28 11.24
CA GLY A 178 -2.91 22.86 11.11
C GLY A 178 -2.55 22.48 9.72
N LEU A 179 -3.38 22.87 8.75
CA LEU A 179 -3.05 22.58 7.34
C LEU A 179 -1.80 23.34 6.90
N PHE A 180 -1.64 24.58 7.36
CA PHE A 180 -0.47 25.37 6.98
C PHE A 180 0.82 24.75 7.50
N ALA A 181 0.76 24.13 8.69
CA ALA A 181 1.93 23.43 9.24
C ALA A 181 2.06 22.02 8.69
N ALA A 182 1.02 21.50 8.08
CA ALA A 182 1.08 20.12 7.53
C ALA A 182 1.59 20.10 6.09
N ILE A 183 1.31 21.11 5.27
CA ILE A 183 1.70 21.05 3.85
C ILE A 183 3.22 21.02 3.70
N PRO A 184 3.99 21.93 4.29
CA PRO A 184 5.45 21.81 4.22
C PRO A 184 6.00 20.46 4.67
N ALA A 185 5.45 19.91 5.74
CA ALA A 185 5.93 18.65 6.30
C ALA A 185 5.79 17.51 5.28
N VAL A 186 4.60 17.36 4.72
CA VAL A 186 4.31 16.29 3.75
C VAL A 186 5.12 16.50 2.50
N LEU A 187 5.17 17.70 1.97
CA LEU A 187 5.96 17.99 0.75
C LEU A 187 7.44 17.63 0.95
N ALA A 188 8.04 18.13 2.04
CA ALA A 188 9.46 17.83 2.30
C ALA A 188 9.67 16.34 2.56
N PHE A 189 8.76 15.70 3.27
CA PHE A 189 8.84 14.25 3.53
C PHE A 189 8.90 13.46 2.21
N ASN A 190 7.99 13.76 1.31
CA ASN A 190 7.95 13.06 0.01
C ASN A 190 9.23 13.32 -0.78
N HIS A 191 9.60 14.58 -0.93
CA HIS A 191 10.79 14.93 -1.75
C HIS A 191 12.04 14.29 -1.14
N PHE A 192 12.17 14.34 0.18
CA PHE A 192 13.36 13.84 0.85
C PHE A 192 13.40 12.31 0.91
N THR A 193 12.28 11.64 0.98
CA THR A 193 12.31 10.17 0.87
C THR A 193 12.65 9.76 -0.56
N ALA A 194 12.23 10.51 -1.54
CA ALA A 194 12.69 10.28 -2.93
C ALA A 194 14.22 10.44 -3.04
N LYS A 195 14.74 11.50 -2.46
CA LYS A 195 16.20 11.70 -2.45
C LYS A 195 16.91 10.58 -1.67
N SER A 196 16.33 10.13 -0.59
CA SER A 196 16.87 9.02 0.20
C SER A 196 16.92 7.73 -0.63
N GLU A 197 15.85 7.45 -1.38
CA GLU A 197 15.83 6.29 -2.26
C GLU A 197 16.95 6.41 -3.30
N SER A 198 17.12 7.60 -3.88
CA SER A 198 18.17 7.82 -4.88
C SER A 198 19.55 7.54 -4.27
N VAL A 199 19.80 8.09 -3.09
CA VAL A 199 21.11 7.94 -2.46
C VAL A 199 21.36 6.48 -2.12
N TYR A 200 20.35 5.80 -1.57
CA TYR A 200 20.53 4.40 -1.20
C TYR A 200 20.79 3.54 -2.41
N SER A 201 20.08 3.80 -3.50
CA SER A 201 20.29 3.02 -4.74
C SER A 201 21.71 3.24 -5.25
N ASP A 202 22.18 4.48 -5.23
CA ASP A 202 23.54 4.76 -5.71
C ASP A 202 24.57 4.03 -4.86
N ARG A 203 24.38 4.10 -3.54
CA ARG A 203 25.35 3.42 -2.63
C ARG A 203 25.35 1.91 -2.88
N ALA A 204 24.15 1.33 -3.04
CA ALA A 204 24.07 -0.13 -3.22
C ALA A 204 24.71 -0.54 -4.54
N LEU A 205 24.48 0.23 -5.60
CA LEU A 205 25.09 -0.12 -6.90
C LEU A 205 26.59 0.01 -6.82
N PHE A 206 27.10 1.03 -6.12
CA PHE A 206 28.56 1.12 -5.98
C PHE A 206 29.08 -0.06 -5.19
N ALA A 207 28.35 -0.50 -4.16
CA ALA A 207 28.79 -1.66 -3.38
C ALA A 207 28.86 -2.91 -4.26
N GLU A 208 27.86 -3.10 -5.11
CA GLU A 208 27.87 -4.26 -6.01
C GLU A 208 29.04 -4.18 -6.98
N GLU A 209 29.33 -3.01 -7.51
CA GLU A 209 30.48 -2.85 -8.42
C GLU A 209 31.79 -3.09 -7.66
N MET A 210 31.86 -2.67 -6.41
CA MET A 210 33.00 -3.01 -5.56
C MET A 210 33.19 -4.53 -5.45
N ILE A 211 32.12 -5.23 -5.17
CA ILE A 211 32.18 -6.71 -5.06
C ILE A 211 32.62 -7.31 -6.39
N ALA A 212 32.14 -6.77 -7.49
CA ALA A 212 32.54 -7.26 -8.83
C ALA A 212 34.05 -7.06 -9.04
N LEU A 213 34.57 -5.90 -8.70
CA LEU A 213 36.01 -5.64 -8.85
C LEU A 213 36.85 -6.58 -7.96
N LEU A 214 36.42 -6.73 -6.71
CA LEU A 214 37.17 -7.61 -5.79
C LEU A 214 37.15 -9.07 -6.25
N GLN A 215 35.99 -9.54 -6.70
CA GLN A 215 35.89 -10.92 -7.22
C GLN A 215 36.74 -11.08 -8.48
N ARG A 216 36.72 -10.12 -9.37
CA ARG A 216 37.52 -10.16 -10.61
C ARG A 216 39.03 -10.23 -10.27
N GLN A 217 39.47 -9.40 -9.33
CA GLN A 217 40.89 -9.39 -9.01
C GLN A 217 41.28 -10.60 -8.18
N SER A 218 40.32 -11.23 -7.48
CA SER A 218 40.63 -12.39 -6.64
C SER A 218 41.12 -13.60 -7.45
N VAL A 219 40.48 -13.89 -8.57
CA VAL A 219 40.81 -15.09 -9.34
C VAL A 219 42.20 -14.91 -9.98
N GLY A 220 42.57 -13.69 -10.32
CA GLY A 220 43.87 -13.44 -10.95
C GLY A 220 43.94 -13.96 -12.37
N THR B 2 -20.98 18.95 29.55
CA THR B 2 -20.74 17.67 30.26
C THR B 2 -22.10 17.00 30.52
N LEU B 3 -22.98 17.76 31.14
CA LEU B 3 -24.33 17.20 31.45
C LEU B 3 -25.27 17.24 30.24
N HIS B 4 -25.07 18.21 29.35
CA HIS B 4 -25.99 18.31 28.19
C HIS B 4 -25.76 17.17 27.20
N ILE B 5 -24.50 16.86 26.92
CA ILE B 5 -24.19 15.72 26.03
C ILE B 5 -24.61 14.41 26.68
N SER B 6 -24.36 14.30 28.00
CA SER B 6 -24.80 13.12 28.75
C SER B 6 -26.31 12.99 28.72
N ASP B 7 -27.03 14.08 28.59
CA ASP B 7 -28.49 14.01 28.41
C ASP B 7 -28.82 13.52 27.01
N LEU B 8 -28.26 14.18 25.97
CA LEU B 8 -28.67 13.88 24.61
C LEU B 8 -28.18 12.52 24.13
N ILE B 9 -27.21 11.92 24.75
CA ILE B 9 -26.84 10.54 24.35
C ILE B 9 -27.93 9.56 24.73
N LEU B 10 -28.60 9.79 25.87
CA LEU B 10 -29.79 8.99 26.25
C LEU B 10 -30.98 9.48 25.44
N GLN B 11 -32.13 8.88 25.67
CA GLN B 11 -33.39 9.10 24.92
C GLN B 11 -33.18 9.16 23.43
N ALA B 12 -32.18 8.40 22.95
CA ALA B 12 -31.91 8.31 21.51
C ALA B 12 -32.53 7.04 20.95
N SER B 13 -32.46 6.86 19.65
CA SER B 13 -32.90 5.60 19.03
C SER B 13 -31.95 4.48 19.48
N PRO B 14 -32.49 3.27 19.72
CA PRO B 14 -31.64 2.20 20.24
C PRO B 14 -30.46 1.84 19.33
N VAL B 15 -30.65 1.93 18.01
CA VAL B 15 -29.54 1.58 17.11
C VAL B 15 -28.40 2.59 17.24
N VAL B 16 -28.73 3.87 17.28
CA VAL B 16 -27.66 4.91 17.37
C VAL B 16 -27.03 4.85 18.75
N GLN B 17 -27.81 4.53 19.80
CA GLN B 17 -27.23 4.35 21.13
C GLN B 17 -26.26 3.18 21.13
N LEU B 18 -26.61 2.10 20.44
CA LEU B 18 -25.68 0.97 20.31
C LEU B 18 -24.42 1.43 19.57
N VAL B 19 -24.58 2.30 18.57
CA VAL B 19 -23.41 2.85 17.86
C VAL B 19 -22.48 3.61 18.80
N MET B 20 -23.06 4.52 19.61
CA MET B 20 -22.17 5.25 20.54
C MET B 20 -21.52 4.31 21.54
N LEU B 21 -22.27 3.31 22.03
CA LEU B 21 -21.64 2.36 22.98
C LEU B 21 -20.45 1.64 22.35
N ILE B 22 -20.63 1.13 21.13
CA ILE B 22 -19.52 0.38 20.50
C ILE B 22 -18.36 1.32 20.25
N LEU B 23 -18.62 2.55 19.80
CA LEU B 23 -17.48 3.45 19.52
C LEU B 23 -16.77 3.87 20.78
N LEU B 24 -17.48 4.10 21.86
CA LEU B 24 -16.79 4.46 23.15
C LEU B 24 -15.97 3.28 23.65
N LEU B 25 -16.50 2.07 23.58
CA LEU B 25 -15.69 0.91 24.02
C LEU B 25 -14.47 0.75 23.13
N ALA B 26 -14.64 0.96 21.82
CA ALA B 26 -13.50 0.88 20.89
C ALA B 26 -12.45 1.92 21.23
N SER B 27 -12.87 3.13 21.55
CA SER B 27 -11.93 4.21 21.90
C SER B 27 -11.17 3.85 23.18
N ILE B 28 -11.88 3.34 24.19
CA ILE B 28 -11.21 2.98 25.44
C ILE B 28 -10.21 1.85 25.20
N PHE B 29 -10.62 0.85 24.43
CA PHE B 29 -9.75 -0.29 24.14
C PHE B 29 -8.52 0.18 23.38
N SER B 30 -8.72 1.07 22.42
CA SER B 30 -7.59 1.60 21.63
C SER B 30 -6.61 2.36 22.51
N TRP B 31 -7.13 3.17 23.43
CA TRP B 31 -6.22 3.94 24.31
C TRP B 31 -5.43 3.00 25.20
N TYR B 32 -6.11 1.97 25.73
CA TYR B 32 -5.39 0.98 26.55
C TYR B 32 -4.29 0.30 25.75
N LEU B 33 -4.59 -0.07 24.51
CA LEU B 33 -3.57 -0.71 23.65
C LEU B 33 -2.41 0.23 23.35
N ILE B 34 -2.71 1.50 23.12
CA ILE B 34 -1.64 2.48 22.84
C ILE B 34 -0.71 2.57 24.05
N ALA B 35 -1.29 2.68 25.24
CA ALA B 35 -0.46 2.80 26.46
C ALA B 35 0.40 1.54 26.63
N LYS B 36 -0.20 0.38 26.50
CA LYS B 36 0.55 -0.87 26.73
C LYS B 36 1.65 -1.05 25.68
N LEU B 37 1.34 -0.82 24.43
CA LEU B 37 2.36 -0.95 23.36
C LEU B 37 3.50 0.06 23.52
N HIS B 38 3.16 1.28 23.95
CA HIS B 38 4.20 2.28 24.20
C HIS B 38 5.13 1.82 25.32
N MET B 39 4.57 1.31 26.40
CA MET B 39 5.40 0.79 27.51
C MET B 39 6.28 -0.37 27.01
N SER B 40 5.70 -1.28 26.24
CA SER B 40 6.45 -2.45 25.75
C SER B 40 7.60 -2.01 24.85
N TYR B 41 7.36 -1.08 23.96
CA TYR B 41 8.41 -0.64 23.02
C TYR B 41 9.51 0.13 23.77
N LYS B 42 9.13 0.93 24.77
CA LYS B 42 10.14 1.62 25.55
C LYS B 42 11.04 0.61 26.28
N LYS B 43 10.42 -0.40 26.90
CA LYS B 43 11.21 -1.43 27.59
C LYS B 43 12.11 -2.19 26.62
N ALA B 44 11.59 -2.47 25.43
CA ALA B 44 12.39 -3.16 24.41
C ALA B 44 13.60 -2.32 23.98
N ARG B 45 13.38 -1.05 23.79
CA ARG B 45 14.49 -0.12 23.43
C ARG B 45 15.53 -0.08 24.53
N GLN B 46 15.12 0.06 25.77
CA GLN B 46 16.06 0.09 26.91
C GLN B 46 16.89 -1.20 26.97
N ASP B 47 16.22 -2.35 26.86
CA ASP B 47 16.96 -3.61 26.93
C ASP B 47 17.91 -3.75 25.74
N ASP B 48 17.46 -3.32 24.57
CA ASP B 48 18.32 -3.34 23.37
C ASP B 48 19.61 -2.54 23.60
N GLU B 49 19.48 -1.30 24.04
CA GLU B 49 20.65 -0.43 24.23
C GLU B 49 21.53 -0.98 25.35
N HIS B 50 20.93 -1.51 26.41
CA HIS B 50 21.72 -2.09 27.50
C HIS B 50 22.58 -3.25 26.99
N PHE B 51 21.96 -4.16 26.23
CA PHE B 51 22.71 -5.30 25.71
C PHE B 51 23.75 -4.86 24.67
N GLN B 52 23.45 -3.81 23.92
CA GLN B 52 24.40 -3.27 22.95
C GLN B 52 25.67 -2.82 23.67
N LYS B 53 25.50 -2.01 24.72
CA LYS B 53 26.69 -1.49 25.40
C LYS B 53 27.39 -2.60 26.15
N MET B 54 26.66 -3.60 26.63
CA MET B 54 27.34 -4.74 27.29
C MET B 54 28.15 -5.57 26.29
N PHE B 55 27.63 -5.80 25.09
CA PHE B 55 28.32 -6.67 24.15
C PHE B 55 29.51 -5.96 23.51
N TRP B 56 29.32 -4.74 23.05
CA TRP B 56 30.47 -4.05 22.42
C TRP B 56 31.46 -3.47 23.41
N SER B 57 31.36 -3.85 24.68
CA SER B 57 32.35 -3.39 25.67
C SER B 57 33.70 -4.05 25.49
N GLY B 58 33.77 -5.13 24.72
CA GLY B 58 35.03 -5.85 24.52
C GLY B 58 35.17 -7.07 25.40
N ALA B 59 34.09 -7.48 26.07
CA ALA B 59 34.17 -8.66 26.94
C ALA B 59 34.29 -9.94 26.10
N GLU B 60 34.73 -10.99 26.75
CA GLU B 60 34.95 -12.28 26.04
C GLU B 60 33.60 -12.94 25.73
N LEU B 61 33.56 -13.66 24.63
CA LEU B 61 32.28 -14.15 24.08
C LEU B 61 31.64 -15.21 24.98
N ASN B 62 32.44 -16.15 25.46
CA ASN B 62 31.91 -17.22 26.33
C ASN B 62 31.44 -16.64 27.64
N THR B 63 32.00 -15.54 28.10
CA THR B 63 31.47 -14.86 29.30
C THR B 63 30.05 -14.36 29.05
N LEU B 64 29.81 -13.77 27.90
CA LEU B 64 28.46 -13.29 27.57
C LEU B 64 27.49 -14.46 27.45
N TYR B 65 27.98 -15.56 26.86
CA TYR B 65 27.12 -16.77 26.79
C TYR B 65 26.76 -17.28 28.17
N ASN B 66 27.72 -17.29 29.09
CA ASN B 66 27.47 -17.76 30.46
C ASN B 66 26.49 -16.82 31.18
N ASN B 67 26.66 -15.52 31.01
CA ASN B 67 25.71 -14.57 31.63
C ASN B 67 24.34 -14.75 31.05
N ALA B 68 24.24 -15.12 29.76
CA ALA B 68 22.92 -15.49 29.19
C ALA B 68 22.39 -16.76 29.88
N GLN B 69 23.29 -17.70 30.17
CA GLN B 69 22.88 -18.94 30.85
C GLN B 69 22.29 -18.67 32.23
N LEU B 70 22.95 -17.85 33.03
CA LEU B 70 22.49 -17.61 34.39
C LEU B 70 21.15 -16.85 34.41
N ASN B 71 20.99 -15.91 33.50
CA ASN B 71 19.74 -15.15 33.45
C ASN B 71 18.62 -16.05 32.95
N SER B 72 17.52 -16.07 33.68
CA SER B 72 16.33 -16.85 33.26
C SER B 72 15.20 -15.95 32.77
N LYS B 73 15.13 -14.71 33.27
CA LYS B 73 14.11 -13.76 32.85
C LYS B 73 14.63 -12.93 31.65
N ARG B 74 15.57 -13.48 30.91
CA ARG B 74 16.10 -12.81 29.74
C ARG B 74 15.01 -12.66 28.67
N SER B 75 15.13 -11.60 27.89
CA SER B 75 14.20 -11.33 26.78
C SER B 75 14.91 -10.45 25.77
N GLY B 76 14.34 -10.41 24.57
CA GLY B 76 14.92 -9.54 23.52
C GLY B 76 16.25 -10.07 23.02
N LEU B 77 17.23 -9.18 22.82
CA LEU B 77 18.45 -9.61 22.09
C LEU B 77 19.21 -10.66 22.89
N GLU B 78 19.26 -10.47 24.22
CA GLU B 78 19.97 -11.41 25.08
C GLU B 78 19.41 -12.82 24.94
N ASP B 79 18.11 -12.92 24.60
CA ASP B 79 17.57 -14.25 24.25
C ASP B 79 18.05 -14.65 22.86
N ILE B 80 17.78 -13.80 21.87
CA ILE B 80 18.05 -14.15 20.47
C ILE B 80 19.51 -14.43 20.27
N PHE B 81 20.35 -13.55 20.75
CA PHE B 81 21.82 -13.87 20.88
C PHE B 81 22.01 -15.26 21.44
N TYR B 82 21.53 -15.48 22.64
CA TYR B 82 21.76 -16.79 23.32
C TYR B 82 21.28 -17.93 22.43
N GLN B 83 20.19 -17.74 21.71
CA GLN B 83 19.69 -18.79 20.83
C GLN B 83 20.68 -19.07 19.71
N GLY B 84 21.05 -18.04 18.99
CA GLY B 84 21.82 -18.24 17.75
C GLY B 84 23.17 -18.82 18.04
N LEU B 85 23.93 -18.17 18.93
CA LEU B 85 25.24 -18.69 19.31
C LEU B 85 25.13 -20.10 19.91
N SER B 86 24.02 -20.39 20.57
CA SER B 86 23.80 -21.76 21.06
C SER B 86 23.90 -22.79 19.95
N GLU B 87 23.15 -22.56 18.89
CA GLU B 87 23.20 -23.47 17.72
C GLU B 87 24.61 -23.52 17.18
N PHE B 88 25.32 -22.38 17.24
CA PHE B 88 26.71 -22.34 16.78
C PHE B 88 27.55 -23.35 17.56
N PHE B 89 27.44 -23.31 18.89
CA PHE B 89 28.09 -24.32 19.72
C PHE B 89 27.54 -25.70 19.45
N LYS B 90 26.24 -25.80 19.23
CA LYS B 90 25.65 -27.11 18.86
C LYS B 90 26.19 -27.59 17.52
N LEU B 91 26.71 -26.67 16.70
CA LEU B 91 27.40 -27.09 15.47
C LEU B 91 28.92 -27.22 15.67
N LYS B 92 29.44 -26.64 16.71
CA LYS B 92 30.90 -26.65 16.93
C LYS B 92 31.33 -27.88 17.69
N LYS B 93 30.45 -28.43 18.52
CA LYS B 93 30.67 -29.79 19.08
C LYS B 93 30.77 -30.80 17.95
N ARG B 94 29.94 -30.67 16.93
CA ARG B 94 30.05 -31.43 15.70
C ARG B 94 31.15 -30.85 14.84
N GLN B 95 31.56 -31.65 13.86
CA GLN B 95 32.65 -31.28 12.93
C GLN B 95 32.08 -30.77 11.61
N ALA B 96 31.04 -29.96 11.69
CA ALA B 96 30.43 -29.33 10.53
C ALA B 96 31.42 -28.33 9.94
N PRO B 97 31.38 -28.11 8.62
CA PRO B 97 32.22 -27.07 8.04
C PRO B 97 31.76 -25.67 8.43
N THR B 98 32.68 -24.73 8.20
CA THR B 98 32.50 -23.35 8.68
C THR B 98 31.32 -22.66 7.99
N SER B 99 31.20 -22.84 6.68
CA SER B 99 30.13 -22.18 5.90
C SER B 99 28.77 -22.65 6.36
N GLN B 100 28.60 -23.94 6.53
CA GLN B 100 27.32 -24.49 7.00
C GLN B 100 27.03 -24.05 8.44
N MET B 101 28.09 -23.94 9.23
CA MET B 101 28.00 -23.43 10.59
C MET B 101 27.41 -22.02 10.60
N ILE B 102 27.99 -21.15 9.78
CA ILE B 102 27.51 -19.76 9.69
C ILE B 102 26.09 -19.72 9.14
N GLU B 103 25.75 -20.60 8.19
CA GLU B 103 24.42 -20.59 7.62
C GLU B 103 23.40 -21.01 8.68
N GLY B 104 23.71 -22.04 9.48
CA GLY B 104 22.82 -22.44 10.55
C GLY B 104 22.61 -21.32 11.58
N THR B 105 23.71 -20.63 11.92
CA THR B 105 23.59 -19.52 12.86
C THR B 105 22.73 -18.39 12.28
N GLU B 106 22.93 -18.09 11.00
CA GLU B 106 22.03 -17.19 10.26
C GLU B 106 20.55 -17.58 10.46
N ARG B 107 20.26 -18.86 10.19
CA ARG B 107 18.86 -19.28 10.21
C ARG B 107 18.27 -19.19 11.61
N ILE B 108 19.02 -19.61 12.61
CA ILE B 108 18.48 -19.53 14.00
C ILE B 108 18.31 -18.06 14.43
N LEU B 109 19.25 -17.21 14.05
CA LEU B 109 19.10 -15.78 14.35
C LEU B 109 17.89 -15.19 13.67
N ARG B 110 17.65 -15.57 12.42
CA ARG B 110 16.48 -15.03 11.70
C ARG B 110 15.19 -15.51 12.35
N VAL B 111 15.13 -16.78 12.73
CA VAL B 111 13.92 -17.31 13.40
C VAL B 111 13.69 -16.57 14.70
N GLY B 112 14.75 -16.38 15.49
CA GLY B 112 14.61 -15.68 16.77
C GLY B 112 14.13 -14.25 16.59
N LEU B 113 14.73 -13.54 15.63
CA LEU B 113 14.34 -12.15 15.38
C LEU B 113 12.87 -12.06 14.96
N SER B 114 12.47 -12.93 14.04
CA SER B 114 11.08 -12.88 13.54
C SER B 114 10.12 -13.20 14.67
N ARG B 115 10.42 -14.21 15.46
CA ARG B 115 9.50 -14.64 16.54
C ARG B 115 9.38 -13.53 17.57
N ASP B 116 10.51 -12.94 17.99
CA ASP B 116 10.43 -11.92 19.04
C ASP B 116 9.72 -10.66 18.51
N GLN B 117 9.98 -10.30 17.26
CA GLN B 117 9.31 -9.11 16.73
C GLN B 117 7.82 -9.34 16.54
N GLY B 118 7.43 -10.54 16.16
CA GLY B 118 5.99 -10.88 16.16
C GLY B 118 5.36 -10.82 17.53
N SER B 119 6.11 -11.26 18.53
CA SER B 119 5.64 -11.18 19.93
C SER B 119 5.65 -9.76 20.46
N LEU B 120 6.35 -8.85 19.80
CA LEU B 120 6.39 -7.46 20.25
C LEU B 120 5.14 -6.69 19.82
N GLU B 121 4.74 -6.79 18.56
CA GLU B 121 3.52 -6.14 18.06
C GLU B 121 2.30 -6.95 18.45
N TYR B 122 1.92 -6.95 19.71
CA TYR B 122 0.81 -7.74 20.19
C TYR B 122 -0.52 -7.34 19.54
N GLY B 123 -0.95 -6.12 19.82
CA GLY B 123 -2.31 -5.70 19.46
C GLY B 123 -2.37 -4.64 18.38
N LEU B 124 -1.34 -4.57 17.56
CA LEU B 124 -1.29 -3.51 16.53
C LEU B 124 -2.38 -3.71 15.48
N GLY B 125 -2.63 -5.00 15.16
CA GLY B 125 -3.69 -5.34 14.21
C GLY B 125 -5.05 -4.91 14.71
N THR B 126 -5.27 -4.95 16.01
CA THR B 126 -6.52 -4.43 16.60
C THR B 126 -6.64 -2.93 16.36
N LEU B 127 -5.56 -2.19 16.51
CA LEU B 127 -5.58 -0.76 16.19
C LEU B 127 -5.89 -0.55 14.71
N ALA B 128 -5.30 -1.38 13.85
CA ALA B 128 -5.60 -1.27 12.42
C ALA B 128 -7.08 -1.47 12.15
N SER B 129 -7.65 -2.52 12.73
CA SER B 129 -9.08 -2.83 12.54
C SER B 129 -9.96 -1.70 13.07
N ILE B 130 -9.63 -1.17 14.24
CA ILE B 130 -10.43 -0.08 14.83
C ILE B 130 -10.36 1.15 13.92
N GLY B 131 -9.15 1.54 13.53
CA GLY B 131 -8.98 2.74 12.69
C GLY B 131 -9.58 2.57 11.31
N SER B 132 -9.73 1.35 10.84
CA SER B 132 -10.33 1.11 9.52
C SER B 132 -11.85 0.92 9.57
N VAL B 133 -12.41 0.54 10.71
CA VAL B 133 -13.86 0.28 10.80
C VAL B 133 -14.59 1.50 11.39
N ALA B 134 -13.98 2.21 12.36
CA ALA B 134 -14.71 3.25 13.08
C ALA B 134 -15.33 4.32 12.16
N PRO B 135 -14.66 4.83 11.11
CA PRO B 135 -15.35 5.76 10.21
C PRO B 135 -16.61 5.17 9.58
N TYR B 136 -16.62 3.88 9.28
CA TYR B 136 -17.81 3.25 8.70
C TYR B 136 -18.99 3.29 9.66
N ILE B 137 -18.69 2.97 10.93
CA ILE B 137 -19.77 2.95 11.94
C ILE B 137 -20.23 4.37 12.22
N GLY B 138 -19.33 5.35 12.24
CA GLY B 138 -19.72 6.71 12.45
C GLY B 138 -20.64 7.22 11.34
N LEU B 139 -20.27 6.88 10.09
CA LEU B 139 -21.12 7.28 8.96
C LEU B 139 -22.48 6.56 9.04
N PHE B 140 -22.49 5.33 9.45
CA PHE B 140 -23.76 4.60 9.60
C PHE B 140 -24.62 5.28 10.65
N GLY B 141 -24.04 5.70 11.75
CA GLY B 141 -24.80 6.42 12.79
C GLY B 141 -25.36 7.72 12.27
N THR B 142 -24.56 8.49 11.54
CA THR B 142 -25.03 9.76 10.98
C THR B 142 -26.21 9.55 10.00
N VAL B 143 -26.05 8.54 9.13
CA VAL B 143 -27.08 8.23 8.16
C VAL B 143 -28.37 7.82 8.87
N TRP B 144 -28.26 6.99 9.91
CA TRP B 144 -29.45 6.57 10.63
C TRP B 144 -30.09 7.72 11.38
N GLY B 145 -29.30 8.64 11.89
CA GLY B 145 -29.86 9.85 12.53
C GLY B 145 -30.64 10.69 11.55
N ILE B 146 -30.09 10.92 10.36
CA ILE B 146 -30.84 11.68 9.34
C ILE B 146 -32.10 10.91 8.94
N MET B 147 -31.99 9.57 8.87
CA MET B 147 -33.17 8.74 8.64
C MET B 147 -34.28 9.02 9.65
N ASN B 148 -33.93 8.97 10.92
CA ASN B 148 -34.94 9.15 11.98
C ASN B 148 -35.49 10.56 11.96
N ALA B 149 -34.65 11.55 11.62
CA ALA B 149 -35.14 12.93 11.50
C ALA B 149 -36.19 13.00 10.38
N PHE B 150 -35.91 12.38 9.24
CA PHE B 150 -36.87 12.45 8.13
C PHE B 150 -38.14 11.66 8.41
N ILE B 151 -38.01 10.54 9.09
CA ILE B 151 -39.22 9.75 9.46
C ILE B 151 -40.08 10.58 10.40
N GLY B 152 -39.47 11.22 11.38
CA GLY B 152 -40.24 12.07 12.28
C GLY B 152 -40.86 13.24 11.56
N LEU B 153 -40.18 13.78 10.56
CA LEU B 153 -40.67 14.94 9.80
C LEU B 153 -41.83 14.55 8.92
N ALA B 154 -41.84 13.29 8.41
CA ALA B 154 -42.87 12.90 7.43
C ALA B 154 -44.22 12.62 8.05
N ALA B 155 -44.41 12.80 9.36
CA ALA B 155 -45.69 12.44 9.98
C ALA B 155 -46.18 13.46 10.98
N VAL B 156 -45.65 14.69 10.99
CA VAL B 156 -46.05 15.72 11.96
C VAL B 156 -46.80 16.87 11.30
N ASP B 157 -46.74 16.98 9.99
CA ASP B 157 -47.33 18.08 9.22
C ASP B 157 -46.60 19.39 9.50
N GLN B 158 -47.03 20.16 10.48
CA GLN B 158 -46.31 21.40 10.85
C GLN B 158 -45.00 20.99 11.51
N VAL B 159 -43.93 21.05 10.74
CA VAL B 159 -42.62 20.60 11.21
C VAL B 159 -42.00 21.68 12.09
N THR B 160 -42.01 21.46 13.40
CA THR B 160 -41.35 22.36 14.35
C THR B 160 -39.88 22.00 14.40
N LEU B 161 -39.18 22.59 15.35
CA LEU B 161 -37.77 22.27 15.63
C LEU B 161 -37.66 20.99 16.44
N ALA B 162 -38.63 20.71 17.29
CA ALA B 162 -38.57 19.55 18.20
C ALA B 162 -38.75 18.25 17.41
N THR B 163 -39.42 18.28 16.26
CA THR B 163 -39.65 17.06 15.49
C THR B 163 -38.45 16.66 14.64
N VAL B 164 -37.47 17.58 14.49
CA VAL B 164 -36.28 17.29 13.67
C VAL B 164 -35.01 17.35 14.50
N ALA B 165 -35.10 17.88 15.73
CA ALA B 165 -33.90 18.05 16.58
C ALA B 165 -33.18 16.74 16.88
N PRO B 166 -33.86 15.64 17.31
CA PRO B 166 -33.08 14.54 17.88
C PRO B 166 -32.40 13.71 16.80
N GLY B 167 -32.94 13.63 15.59
CA GLY B 167 -32.23 13.02 14.48
C GLY B 167 -30.91 13.70 14.14
N ILE B 168 -30.95 15.01 14.06
CA ILE B 168 -29.72 15.78 13.76
C ILE B 168 -28.74 15.67 14.91
N ALA B 169 -29.26 15.70 16.14
CA ALA B 169 -28.39 15.55 17.32
C ALA B 169 -27.73 14.17 17.29
N GLU B 170 -28.47 13.14 16.95
CA GLU B 170 -27.91 11.78 16.80
C GLU B 170 -26.82 11.76 15.73
N ALA B 171 -27.05 12.41 14.62
CA ALA B 171 -26.08 12.41 13.51
C ALA B 171 -24.78 13.09 13.91
N LEU B 172 -24.89 14.26 14.53
CA LEU B 172 -23.64 14.96 14.93
C LEU B 172 -22.92 14.20 16.04
N ILE B 173 -23.63 13.64 17.00
CA ILE B 173 -22.94 12.90 18.08
C ILE B 173 -22.27 11.66 17.50
N ALA B 174 -22.93 10.98 16.59
CA ALA B 174 -22.38 9.76 15.99
C ALA B 174 -21.11 10.11 15.24
N THR B 175 -21.14 11.16 14.42
CA THR B 175 -19.94 11.49 13.62
C THR B 175 -18.82 12.01 14.52
N ALA B 176 -19.15 12.72 15.57
CA ALA B 176 -18.09 13.21 16.49
C ALA B 176 -17.42 12.04 17.18
N ILE B 177 -18.21 11.10 17.66
CA ILE B 177 -17.62 9.92 18.35
C ILE B 177 -16.83 9.10 17.36
N GLY B 178 -17.29 9.00 16.13
CA GLY B 178 -16.50 8.29 15.09
C GLY B 178 -15.15 8.90 14.87
N LEU B 179 -15.11 10.20 14.70
CA LEU B 179 -13.79 10.91 14.55
C LEU B 179 -12.91 10.67 15.79
N PHE B 180 -13.51 10.82 16.97
CA PHE B 180 -12.74 10.75 18.21
C PHE B 180 -12.18 9.36 18.44
N ALA B 181 -12.89 8.32 17.98
CA ALA B 181 -12.41 6.94 18.18
C ALA B 181 -11.67 6.45 16.96
N ALA B 182 -11.60 7.20 15.87
CA ALA B 182 -10.95 6.71 14.65
C ALA B 182 -9.58 7.36 14.42
N ILE B 183 -9.39 8.58 14.85
CA ILE B 183 -8.11 9.28 14.51
C ILE B 183 -6.98 8.77 15.37
N PRO B 184 -7.07 8.71 16.72
CA PRO B 184 -5.95 8.18 17.49
C PRO B 184 -5.58 6.73 17.24
N ALA B 185 -6.49 5.97 16.59
CA ALA B 185 -6.16 4.59 16.21
C ALA B 185 -5.24 4.56 14.99
N VAL B 186 -5.60 5.31 13.96
CA VAL B 186 -4.77 5.36 12.74
C VAL B 186 -3.42 5.99 13.03
N LEU B 187 -3.41 7.11 13.74
CA LEU B 187 -2.15 7.78 14.10
C LEU B 187 -1.25 6.86 14.90
N ALA B 188 -1.76 6.19 15.90
CA ALA B 188 -0.95 5.28 16.73
C ALA B 188 -0.47 4.10 15.89
N PHE B 189 -1.32 3.56 15.03
CA PHE B 189 -0.91 2.47 14.14
C PHE B 189 0.30 2.85 13.27
N ASN B 190 0.21 4.01 12.62
CA ASN B 190 1.30 4.47 11.75
C ASN B 190 2.57 4.69 12.55
N HIS B 191 2.47 5.44 13.64
CA HIS B 191 3.63 5.73 14.50
C HIS B 191 4.28 4.45 15.01
N PHE B 192 3.48 3.51 15.47
CA PHE B 192 4.03 2.30 16.10
C PHE B 192 4.57 1.31 15.08
N THR B 193 3.99 1.26 13.89
CA THR B 193 4.59 0.48 12.79
C THR B 193 5.95 1.06 12.38
N ALA B 194 6.06 2.38 12.34
CA ALA B 194 7.35 3.01 12.03
C ALA B 194 8.38 2.67 13.10
N LYS B 195 7.99 2.77 14.38
CA LYS B 195 8.92 2.45 15.47
C LYS B 195 9.31 0.96 15.45
N SER B 196 8.36 0.09 15.11
CA SER B 196 8.64 -1.34 15.01
C SER B 196 9.63 -1.63 13.90
N GLU B 197 9.47 -0.96 12.76
CA GLU B 197 10.43 -1.13 11.65
C GLU B 197 11.81 -0.67 12.09
N SER B 198 11.88 0.44 12.82
CA SER B 198 13.18 0.93 13.31
C SER B 198 13.82 -0.11 14.22
N VAL B 199 13.03 -0.66 15.14
CA VAL B 199 13.58 -1.67 16.08
C VAL B 199 14.06 -2.90 15.32
N TYR B 200 13.29 -3.35 14.35
CA TYR B 200 13.68 -4.54 13.58
C TYR B 200 14.95 -4.30 12.79
N SER B 201 15.09 -3.11 12.20
CA SER B 201 16.31 -2.78 11.43
C SER B 201 17.51 -2.80 12.38
N ASP B 202 17.36 -2.20 13.56
CA ASP B 202 18.48 -2.16 14.52
C ASP B 202 18.86 -3.59 14.92
N ARG B 203 17.86 -4.42 15.19
CA ARG B 203 18.14 -5.80 15.62
C ARG B 203 18.82 -6.59 14.50
N ALA B 204 18.38 -6.40 13.26
CA ALA B 204 18.97 -7.14 12.13
C ALA B 204 20.42 -6.71 11.95
N LEU B 205 20.70 -5.40 12.05
CA LEU B 205 22.09 -4.95 11.91
C LEU B 205 22.95 -5.55 13.01
N PHE B 206 22.44 -5.59 14.24
CA PHE B 206 23.21 -6.20 15.32
C PHE B 206 23.47 -7.68 15.06
N ALA B 207 22.44 -8.38 14.56
CA ALA B 207 22.62 -9.84 14.34
C ALA B 207 23.65 -10.06 13.25
N GLU B 208 23.65 -9.23 12.23
CA GLU B 208 24.66 -9.36 11.15
C GLU B 208 26.04 -9.07 11.68
N GLU B 209 26.18 -8.03 12.48
CA GLU B 209 27.50 -7.75 13.12
C GLU B 209 27.94 -8.98 13.93
N MET B 210 27.00 -9.61 14.64
CA MET B 210 27.34 -10.83 15.36
C MET B 210 27.84 -11.93 14.43
N ILE B 211 27.18 -12.11 13.30
CA ILE B 211 27.63 -13.12 12.33
C ILE B 211 29.03 -12.79 11.83
N ALA B 212 29.32 -11.53 11.60
CA ALA B 212 30.63 -11.08 11.13
C ALA B 212 31.69 -11.45 12.16
N LEU B 213 31.41 -11.14 13.45
CA LEU B 213 32.39 -11.45 14.50
C LEU B 213 32.61 -12.96 14.61
N LEU B 214 31.53 -13.74 14.57
CA LEU B 214 31.67 -15.20 14.68
C LEU B 214 32.47 -15.75 13.50
N GLN B 215 32.20 -15.26 12.30
CA GLN B 215 32.94 -15.76 11.13
C GLN B 215 34.41 -15.40 11.24
N ARG B 216 34.72 -14.18 11.66
CA ARG B 216 36.12 -13.73 11.76
C ARG B 216 36.83 -14.51 12.86
N GLN B 217 36.14 -14.86 13.95
CA GLN B 217 36.76 -15.68 14.98
C GLN B 217 36.94 -17.13 14.53
N SER B 218 36.03 -17.62 13.73
CA SER B 218 36.02 -19.02 13.28
C SER B 218 37.14 -19.26 12.28
N VAL B 219 37.37 -18.31 11.38
CA VAL B 219 38.43 -18.49 10.38
C VAL B 219 39.81 -18.58 11.02
N GLY B 220 40.02 -17.88 12.14
CA GLY B 220 41.28 -18.02 12.89
C GLY B 220 42.48 -17.40 12.18
N THR C 2 -45.52 7.56 12.09
CA THR C 2 -46.20 6.25 11.94
C THR C 2 -45.59 5.47 10.78
N LEU C 3 -44.28 5.63 10.59
CA LEU C 3 -43.53 4.94 9.52
C LEU C 3 -42.54 3.97 10.15
N HIS C 4 -42.46 2.79 9.57
CA HIS C 4 -41.55 1.73 10.01
C HIS C 4 -40.50 1.51 8.92
N ILE C 5 -39.38 0.92 9.34
CA ILE C 5 -38.29 0.58 8.40
C ILE C 5 -38.78 -0.48 7.44
N SER C 6 -39.53 -1.45 7.90
CA SER C 6 -40.14 -2.46 7.01
C SER C 6 -41.10 -1.80 6.00
N ASP C 7 -41.83 -0.78 6.46
CA ASP C 7 -42.74 -0.08 5.59
C ASP C 7 -41.97 0.67 4.53
N LEU C 8 -40.74 1.08 4.81
CA LEU C 8 -39.88 1.69 3.79
C LEU C 8 -39.38 0.62 2.81
N ILE C 9 -39.03 -0.55 3.34
CA ILE C 9 -38.43 -1.60 2.52
C ILE C 9 -39.44 -2.18 1.53
N LEU C 10 -40.66 -2.42 1.97
CA LEU C 10 -41.63 -3.16 1.11
C LEU C 10 -42.05 -2.32 -0.10
N GLN C 11 -42.21 -1.03 0.05
CA GLN C 11 -42.59 -0.16 -1.10
C GLN C 11 -41.48 0.86 -1.35
N ALA C 12 -41.06 0.96 -2.58
CA ALA C 12 -40.03 1.88 -3.07
C ALA C 12 -39.99 1.77 -4.60
N SER C 13 -39.10 2.52 -5.20
CA SER C 13 -38.85 2.38 -6.64
C SER C 13 -38.15 1.06 -6.89
N PRO C 14 -38.41 0.39 -8.03
CA PRO C 14 -37.74 -0.85 -8.36
C PRO C 14 -36.22 -0.85 -8.26
N VAL C 15 -35.56 0.24 -8.64
CA VAL C 15 -34.11 0.27 -8.68
C VAL C 15 -33.53 0.21 -7.27
N VAL C 16 -34.03 1.05 -6.39
CA VAL C 16 -33.48 1.04 -4.99
C VAL C 16 -33.88 -0.25 -4.30
N GLN C 17 -35.03 -0.82 -4.62
CA GLN C 17 -35.41 -2.12 -4.06
C GLN C 17 -34.45 -3.21 -4.48
N LEU C 18 -34.07 -3.19 -5.76
CA LEU C 18 -33.08 -4.16 -6.26
C LEU C 18 -31.74 -3.94 -5.55
N VAL C 19 -31.37 -2.68 -5.34
CA VAL C 19 -30.10 -2.38 -4.65
C VAL C 19 -30.14 -2.94 -3.23
N MET C 20 -31.21 -2.72 -2.50
CA MET C 20 -31.33 -3.22 -1.12
C MET C 20 -31.33 -4.76 -1.12
N LEU C 21 -31.95 -5.37 -2.12
CA LEU C 21 -31.94 -6.83 -2.18
C LEU C 21 -30.52 -7.36 -2.39
N ILE C 22 -29.76 -6.73 -3.27
CA ILE C 22 -28.35 -7.13 -3.48
C ILE C 22 -27.56 -6.93 -2.20
N LEU C 23 -27.77 -5.83 -1.49
CA LEU C 23 -27.03 -5.61 -0.24
C LEU C 23 -27.39 -6.67 0.83
N LEU C 24 -28.66 -7.03 0.92
CA LEU C 24 -29.04 -8.08 1.87
C LEU C 24 -28.42 -9.43 1.51
N LEU C 25 -28.42 -9.78 0.24
CA LEU C 25 -27.79 -11.04 -0.18
C LEU C 25 -26.30 -11.01 0.08
N ALA C 26 -25.66 -9.86 -0.16
CA ALA C 26 -24.22 -9.72 0.12
C ALA C 26 -23.95 -9.89 1.61
N SER C 27 -24.79 -9.30 2.45
CA SER C 27 -24.60 -9.44 3.91
C SER C 27 -24.74 -10.89 4.34
N ILE C 28 -25.75 -11.59 3.81
CA ILE C 28 -25.94 -13.00 4.18
C ILE C 28 -24.75 -13.83 3.73
N PHE C 29 -24.29 -13.59 2.51
CA PHE C 29 -23.14 -14.35 1.97
C PHE C 29 -21.91 -14.08 2.79
N SER C 30 -21.70 -12.82 3.17
CA SER C 30 -20.54 -12.45 4.00
C SER C 30 -20.60 -13.16 5.34
N TRP C 31 -21.77 -13.19 5.98
CA TRP C 31 -21.87 -13.88 7.27
C TRP C 31 -21.56 -15.36 7.13
N TYR C 32 -22.08 -15.97 6.07
CA TYR C 32 -21.79 -17.40 5.84
C TYR C 32 -20.29 -17.64 5.71
N LEU C 33 -19.64 -16.79 4.92
CA LEU C 33 -18.18 -16.94 4.71
C LEU C 33 -17.42 -16.70 6.00
N ILE C 34 -17.85 -15.75 6.80
CA ILE C 34 -17.18 -15.49 8.09
C ILE C 34 -17.27 -16.73 8.97
N ALA C 35 -18.46 -17.32 9.06
CA ALA C 35 -18.62 -18.50 9.93
C ALA C 35 -17.71 -19.64 9.45
N LYS C 36 -17.75 -19.90 8.12
CA LYS C 36 -16.98 -21.03 7.60
C LYS C 36 -15.48 -20.82 7.80
N LEU C 37 -15.01 -19.63 7.48
CA LEU C 37 -13.56 -19.34 7.59
C LEU C 37 -13.11 -19.30 9.05
N HIS C 38 -13.96 -18.85 9.95
CA HIS C 38 -13.63 -18.91 11.39
C HIS C 38 -13.48 -20.36 11.84
N MET C 39 -14.39 -21.23 11.44
CA MET C 39 -14.25 -22.65 11.78
C MET C 39 -12.94 -23.21 11.22
N SER C 40 -12.63 -22.88 9.98
CA SER C 40 -11.40 -23.36 9.33
C SER C 40 -10.15 -22.87 10.09
N TYR C 41 -10.13 -21.61 10.48
CA TYR C 41 -8.96 -21.07 11.20
C TYR C 41 -8.83 -21.68 12.59
N LYS C 42 -9.94 -21.91 13.28
CA LYS C 42 -9.87 -22.56 14.58
C LYS C 42 -9.29 -23.97 14.44
N LYS C 43 -9.77 -24.73 13.45
CA LYS C 43 -9.26 -26.08 13.24
C LYS C 43 -7.77 -26.04 12.90
N ALA C 44 -7.37 -25.12 12.05
CA ALA C 44 -5.96 -25.01 11.64
C ALA C 44 -5.07 -24.67 12.85
N ARG C 45 -5.50 -23.73 13.68
CA ARG C 45 -4.72 -23.36 14.87
C ARG C 45 -4.60 -24.54 15.83
N GLN C 46 -5.69 -25.25 16.07
CA GLN C 46 -5.65 -26.40 16.99
C GLN C 46 -4.69 -27.47 16.45
N ASP C 47 -4.80 -27.79 15.17
CA ASP C 47 -3.88 -28.79 14.58
C ASP C 47 -2.44 -28.33 14.64
N ASP C 48 -2.20 -27.05 14.39
CA ASP C 48 -0.84 -26.48 14.45
C ASP C 48 -0.25 -26.66 15.85
N GLU C 49 -0.98 -26.27 16.89
CA GLU C 49 -0.45 -26.36 18.24
C GLU C 49 -0.25 -27.83 18.64
N HIS C 50 -1.16 -28.71 18.22
CA HIS C 50 -0.99 -30.14 18.50
C HIS C 50 0.28 -30.68 17.86
N PHE C 51 0.53 -30.32 16.61
CA PHE C 51 1.74 -30.79 15.92
C PHE C 51 3.00 -30.23 16.56
N GLN C 52 2.98 -28.95 17.00
CA GLN C 52 4.17 -28.40 17.61
C GLN C 52 4.48 -29.18 18.88
N LYS C 53 3.46 -29.42 19.72
CA LYS C 53 3.74 -30.13 20.97
C LYS C 53 4.17 -31.58 20.68
N MET C 54 3.62 -32.19 19.65
CA MET C 54 4.03 -33.56 19.31
C MET C 54 5.44 -33.60 18.75
N PHE C 55 5.86 -32.58 18.03
CA PHE C 55 7.21 -32.56 17.42
C PHE C 55 8.29 -32.26 18.43
N TRP C 56 8.15 -31.16 19.17
CA TRP C 56 9.21 -30.78 20.13
C TRP C 56 9.14 -31.54 21.45
N SER C 57 8.42 -32.64 21.48
CA SER C 57 8.37 -33.52 22.65
C SER C 57 9.65 -34.32 22.82
N GLY C 58 10.52 -34.35 21.83
CA GLY C 58 11.76 -35.14 21.88
C GLY C 58 11.65 -36.53 21.30
N ALA C 59 10.52 -36.86 20.69
CA ALA C 59 10.37 -38.18 20.04
C ALA C 59 11.24 -38.27 18.81
N GLU C 60 11.50 -39.47 18.38
CA GLU C 60 12.36 -39.71 17.19
C GLU C 60 11.65 -39.17 15.95
N LEU C 61 12.44 -38.55 15.06
CA LEU C 61 11.89 -37.97 13.83
C LEU C 61 11.25 -39.03 12.94
N ASN C 62 11.90 -40.19 12.83
CA ASN C 62 11.35 -41.30 12.04
C ASN C 62 10.02 -41.81 12.62
N THR C 63 9.91 -41.83 13.93
CA THR C 63 8.65 -42.23 14.56
C THR C 63 7.53 -41.25 14.24
N LEU C 64 7.86 -39.96 14.18
CA LEU C 64 6.90 -38.96 13.70
C LEU C 64 6.51 -39.21 12.24
N TYR C 65 7.48 -39.61 11.40
CA TYR C 65 7.13 -40.00 10.03
C TYR C 65 6.17 -41.19 9.98
N ASN C 66 6.41 -42.18 10.79
CA ASN C 66 5.49 -43.34 10.86
C ASN C 66 4.10 -42.91 11.35
N ASN C 67 4.05 -42.03 12.33
CA ASN C 67 2.77 -41.51 12.82
C ASN C 67 2.03 -40.77 11.73
N ALA C 68 2.77 -40.00 10.91
CA ALA C 68 2.17 -39.35 9.74
C ALA C 68 1.65 -40.38 8.72
N GLN C 69 2.42 -41.44 8.51
CA GLN C 69 2.05 -42.51 7.57
C GLN C 69 0.75 -43.18 7.99
N LEU C 70 0.64 -43.50 9.28
CA LEU C 70 -0.54 -44.24 9.75
C LEU C 70 -1.76 -43.33 9.80
N ASN C 71 -1.58 -42.03 9.91
CA ASN C 71 -2.70 -41.10 9.94
C ASN C 71 -3.19 -40.85 8.52
N SER C 72 -4.53 -40.78 8.36
CA SER C 72 -5.17 -40.50 7.07
C SER C 72 -5.86 -39.15 7.01
N LYS C 73 -6.28 -38.62 8.15
CA LYS C 73 -7.04 -37.35 8.18
C LYS C 73 -6.11 -36.15 8.32
N ARG C 74 -4.79 -36.35 8.27
CA ARG C 74 -3.85 -35.24 8.42
C ARG C 74 -4.05 -34.24 7.29
N SER C 75 -4.05 -32.96 7.66
CA SER C 75 -4.23 -31.88 6.67
C SER C 75 -3.19 -30.78 6.83
N GLY C 76 -2.87 -30.43 8.05
CA GLY C 76 -2.08 -29.22 8.32
C GLY C 76 -0.58 -29.47 8.39
N LEU C 77 0.01 -29.08 9.51
CA LEU C 77 1.46 -29.26 9.69
C LEU C 77 1.84 -30.74 9.61
N GLU C 78 0.96 -31.65 10.04
CA GLU C 78 1.19 -33.08 9.80
C GLU C 78 1.42 -33.35 8.33
N ASP C 79 0.56 -32.84 7.45
CA ASP C 79 0.58 -33.25 6.05
C ASP C 79 1.83 -32.70 5.33
N ILE C 80 2.09 -31.41 5.54
CA ILE C 80 3.25 -30.77 4.91
C ILE C 80 4.54 -31.37 5.46
N PHE C 81 4.58 -31.61 6.77
CA PHE C 81 5.71 -32.30 7.38
C PHE C 81 5.91 -33.65 6.72
N TYR C 82 4.87 -34.40 6.49
CA TYR C 82 4.97 -35.74 5.91
C TYR C 82 5.45 -35.64 4.48
N GLN C 83 4.93 -34.71 3.69
CA GLN C 83 5.42 -34.55 2.32
C GLN C 83 6.91 -34.24 2.30
N GLY C 84 7.33 -33.26 3.10
CA GLY C 84 8.74 -32.90 3.19
C GLY C 84 9.64 -34.06 3.56
N LEU C 85 9.31 -34.78 4.62
CA LEU C 85 10.16 -35.87 5.09
C LEU C 85 10.11 -37.07 4.12
N SER C 86 8.95 -37.32 3.51
CA SER C 86 8.83 -38.41 2.55
C SER C 86 9.72 -38.10 1.34
N GLU C 87 9.70 -36.88 0.85
CA GLU C 87 10.59 -36.51 -0.26
C GLU C 87 12.03 -36.55 0.20
N PHE C 88 12.32 -36.25 1.42
CA PHE C 88 13.70 -36.31 1.93
C PHE C 88 14.20 -37.76 1.94
N PHE C 89 13.42 -38.67 2.47
CA PHE C 89 13.83 -40.10 2.40
C PHE C 89 13.79 -40.63 0.98
N LYS C 90 13.01 -40.01 0.10
CA LYS C 90 13.03 -40.41 -1.32
C LYS C 90 14.42 -40.19 -1.92
N LEU C 91 15.17 -39.28 -1.35
CA LEU C 91 16.55 -38.99 -1.80
C LEU C 91 17.60 -39.64 -0.90
N LYS C 92 17.24 -40.00 0.32
CA LYS C 92 18.10 -40.97 1.09
C LYS C 92 18.13 -42.35 0.42
N LYS C 93 17.02 -42.84 -0.12
CA LYS C 93 17.08 -44.17 -0.77
C LYS C 93 17.81 -44.10 -2.10
N ARG C 94 17.94 -42.94 -2.72
CA ARG C 94 18.88 -42.71 -3.80
C ARG C 94 20.15 -42.10 -3.26
N GLN C 95 21.07 -41.82 -4.18
CA GLN C 95 22.37 -41.21 -3.83
C GLN C 95 22.46 -39.82 -4.41
N ALA C 96 22.77 -38.85 -3.56
CA ALA C 96 22.79 -37.43 -3.93
C ALA C 96 23.40 -36.68 -2.76
N PRO C 97 24.07 -35.55 -3.01
CA PRO C 97 24.62 -34.75 -1.91
C PRO C 97 23.51 -34.09 -1.08
N THR C 98 23.86 -33.80 0.17
CA THR C 98 22.87 -33.32 1.15
C THR C 98 22.41 -31.94 0.81
N SER C 99 23.24 -31.13 0.19
CA SER C 99 22.90 -29.70 -0.11
C SER C 99 21.64 -29.60 -0.97
N GLN C 100 21.60 -30.33 -2.07
CA GLN C 100 20.46 -30.22 -2.99
C GLN C 100 19.28 -30.96 -2.37
N MET C 101 19.49 -31.94 -1.53
CA MET C 101 18.35 -32.53 -0.78
C MET C 101 17.72 -31.49 0.12
N ILE C 102 18.53 -30.68 0.81
CA ILE C 102 18.03 -29.60 1.65
C ILE C 102 17.26 -28.58 0.80
N GLU C 103 17.82 -28.24 -0.36
CA GLU C 103 17.09 -27.35 -1.29
C GLU C 103 15.75 -27.94 -1.75
N GLY C 104 15.70 -29.23 -2.06
CA GLY C 104 14.47 -29.88 -2.46
C GLY C 104 13.48 -29.94 -1.34
N THR C 105 13.90 -30.22 -0.13
CA THR C 105 13.03 -30.19 1.05
C THR C 105 12.48 -28.78 1.25
N GLU C 106 13.33 -27.75 1.07
CA GLU C 106 12.81 -26.39 1.14
C GLU C 106 11.76 -26.13 0.07
N ARG C 107 12.01 -26.58 -1.13
CA ARG C 107 11.05 -26.38 -2.24
C ARG C 107 9.72 -27.04 -1.96
N ILE C 108 9.76 -28.28 -1.48
CA ILE C 108 8.49 -28.99 -1.21
C ILE C 108 7.80 -28.39 -0.02
N LEU C 109 8.54 -27.92 0.97
CA LEU C 109 7.89 -27.20 2.11
C LEU C 109 7.24 -25.91 1.63
N ARG C 110 7.88 -25.18 0.76
CA ARG C 110 7.27 -23.93 0.22
C ARG C 110 6.03 -24.26 -0.59
N VAL C 111 6.07 -25.29 -1.41
CA VAL C 111 4.89 -25.71 -2.19
C VAL C 111 3.74 -26.08 -1.27
N GLY C 112 4.04 -26.85 -0.22
CA GLY C 112 3.03 -27.29 0.72
C GLY C 112 2.40 -26.11 1.45
N LEU C 113 3.25 -25.19 1.93
CA LEU C 113 2.74 -24.00 2.64
C LEU C 113 1.84 -23.16 1.72
N SER C 114 2.29 -22.95 0.49
CA SER C 114 1.48 -22.17 -0.47
C SER C 114 0.16 -22.86 -0.75
N ARG C 115 0.19 -24.16 -0.95
CA ARG C 115 -1.07 -24.91 -1.25
C ARG C 115 -2.03 -24.83 -0.08
N ASP C 116 -1.54 -25.08 1.12
CA ASP C 116 -2.44 -25.11 2.30
C ASP C 116 -2.94 -23.71 2.62
N GLN C 117 -2.13 -22.69 2.44
CA GLN C 117 -2.58 -21.31 2.68
C GLN C 117 -3.61 -20.88 1.63
N GLY C 118 -3.39 -21.26 0.38
CA GLY C 118 -4.39 -20.97 -0.66
C GLY C 118 -5.70 -21.68 -0.42
N SER C 119 -5.63 -22.91 0.00
CA SER C 119 -6.87 -23.69 0.33
C SER C 119 -7.43 -23.24 1.67
N LEU C 120 -6.73 -22.49 2.45
CA LEU C 120 -7.16 -22.11 3.81
C LEU C 120 -7.93 -20.78 3.74
N GLU C 121 -7.32 -19.78 3.11
CA GLU C 121 -8.02 -18.50 2.84
C GLU C 121 -8.92 -18.69 1.64
N TYR C 122 -10.08 -19.29 1.85
CA TYR C 122 -10.95 -19.67 0.73
C TYR C 122 -11.52 -18.44 0.03
N GLY C 123 -12.29 -17.64 0.73
CA GLY C 123 -12.99 -16.52 0.10
C GLY C 123 -12.64 -15.20 0.75
N LEU C 124 -11.38 -15.00 1.11
CA LEU C 124 -10.99 -13.73 1.77
C LEU C 124 -11.11 -12.56 0.78
N GLY C 125 -10.76 -12.81 -0.47
CA GLY C 125 -10.91 -11.75 -1.49
C GLY C 125 -12.36 -11.41 -1.71
N THR C 126 -13.27 -12.36 -1.54
CA THR C 126 -14.70 -12.05 -1.63
C THR C 126 -15.12 -11.06 -0.55
N LEU C 127 -14.64 -11.26 0.68
CA LEU C 127 -14.93 -10.31 1.75
C LEU C 127 -14.31 -8.97 1.43
N ALA C 128 -13.10 -8.96 0.88
CA ALA C 128 -12.47 -7.68 0.49
C ALA C 128 -13.36 -6.94 -0.50
N SER C 129 -13.82 -7.64 -1.53
CA SER C 129 -14.64 -7.01 -2.58
C SER C 129 -15.95 -6.49 -2.01
N ILE C 130 -16.60 -7.29 -1.17
CA ILE C 130 -17.90 -6.89 -0.60
C ILE C 130 -17.70 -5.65 0.27
N GLY C 131 -16.71 -5.69 1.16
CA GLY C 131 -16.45 -4.55 2.05
C GLY C 131 -16.02 -3.31 1.28
N SER C 132 -15.47 -3.48 0.10
CA SER C 132 -15.05 -2.33 -0.71
C SER C 132 -16.15 -1.72 -1.57
N VAL C 133 -17.15 -2.55 -1.98
CA VAL C 133 -18.15 -2.02 -2.92
C VAL C 133 -19.52 -1.88 -2.32
N ALA C 134 -19.80 -2.46 -1.15
CA ALA C 134 -21.14 -2.29 -0.53
C ALA C 134 -21.50 -0.82 -0.33
N PRO C 135 -20.64 0.05 0.26
CA PRO C 135 -21.05 1.43 0.42
C PRO C 135 -21.30 2.13 -0.93
N TYR C 136 -20.54 1.74 -1.97
CA TYR C 136 -20.74 2.39 -3.27
C TYR C 136 -22.10 1.99 -3.85
N ILE C 137 -22.50 0.72 -3.72
CA ILE C 137 -23.79 0.31 -4.25
C ILE C 137 -24.91 0.98 -3.45
N GLY C 138 -24.75 1.05 -2.13
CA GLY C 138 -25.76 1.73 -1.34
C GLY C 138 -25.90 3.19 -1.66
N LEU C 139 -24.76 3.84 -1.90
CA LEU C 139 -24.81 5.27 -2.26
C LEU C 139 -25.43 5.43 -3.63
N PHE C 140 -25.16 4.54 -4.57
CA PHE C 140 -25.84 4.63 -5.88
C PHE C 140 -27.34 4.48 -5.72
N GLY C 141 -27.77 3.57 -4.85
CA GLY C 141 -29.20 3.46 -4.56
C GLY C 141 -29.77 4.72 -3.97
N THR C 142 -29.03 5.35 -3.07
CA THR C 142 -29.50 6.61 -2.46
C THR C 142 -29.64 7.70 -3.53
N VAL C 143 -28.65 7.81 -4.40
CA VAL C 143 -28.68 8.84 -5.44
C VAL C 143 -29.85 8.60 -6.37
N TRP C 144 -30.09 7.35 -6.76
CA TRP C 144 -31.19 7.05 -7.67
C TRP C 144 -32.51 7.32 -6.97
N GLY C 145 -32.64 7.01 -5.69
CA GLY C 145 -33.90 7.27 -5.00
C GLY C 145 -34.20 8.76 -4.92
N ILE C 146 -33.17 9.55 -4.61
CA ILE C 146 -33.38 11.01 -4.51
C ILE C 146 -33.72 11.55 -5.89
N MET C 147 -33.03 11.07 -6.92
CA MET C 147 -33.33 11.54 -8.28
C MET C 147 -34.77 11.23 -8.65
N ASN C 148 -35.23 10.03 -8.35
CA ASN C 148 -36.60 9.66 -8.73
C ASN C 148 -37.61 10.49 -7.95
N ALA C 149 -37.32 10.74 -6.66
CA ALA C 149 -38.23 11.57 -5.86
C ALA C 149 -38.34 12.97 -6.42
N PHE C 150 -37.21 13.54 -6.78
CA PHE C 150 -37.21 14.97 -7.22
C PHE C 150 -37.81 15.08 -8.58
N ILE C 151 -37.54 14.15 -9.48
CA ILE C 151 -38.12 14.21 -10.86
C ILE C 151 -39.58 13.97 -10.76
N GLY C 152 -40.06 13.08 -9.91
CA GLY C 152 -41.52 12.90 -9.76
C GLY C 152 -42.16 14.11 -9.16
N LEU C 153 -41.49 14.77 -8.21
CA LEU C 153 -42.10 15.95 -7.56
C LEU C 153 -41.23 17.17 -7.81
N ALA C 154 -41.38 17.76 -8.98
CA ALA C 154 -40.69 19.04 -9.31
C ALA C 154 -41.62 20.07 -9.93
N ALA C 155 -42.69 19.64 -10.61
CA ALA C 155 -43.64 20.56 -11.25
C ALA C 155 -45.04 20.47 -10.66
N VAL C 156 -45.32 19.53 -9.76
CA VAL C 156 -46.62 19.46 -9.09
C VAL C 156 -46.65 20.57 -8.05
N ASP C 157 -47.30 21.68 -8.40
CA ASP C 157 -47.48 22.91 -7.58
C ASP C 157 -46.29 23.22 -6.67
N GLN C 158 -46.56 23.59 -5.43
CA GLN C 158 -45.50 23.73 -4.42
C GLN C 158 -45.57 22.52 -3.49
N VAL C 159 -44.57 21.67 -3.53
CA VAL C 159 -44.55 20.44 -2.74
C VAL C 159 -44.28 20.76 -1.28
N THR C 160 -44.89 19.99 -0.41
CA THR C 160 -44.77 20.15 1.06
C THR C 160 -43.82 19.11 1.60
N LEU C 161 -43.28 19.33 2.78
CA LEU C 161 -42.32 18.37 3.38
C LEU C 161 -42.95 16.99 3.53
N ALA C 162 -44.27 16.95 3.75
CA ALA C 162 -45.01 15.69 3.89
C ALA C 162 -45.02 14.89 2.59
N THR C 163 -44.69 15.51 1.47
CA THR C 163 -44.74 14.86 0.15
C THR C 163 -43.36 14.45 -0.33
N VAL C 164 -42.28 14.99 0.26
CA VAL C 164 -40.93 14.72 -0.21
C VAL C 164 -40.11 13.97 0.84
N ALA C 165 -40.43 14.10 2.09
CA ALA C 165 -39.64 13.45 3.17
C ALA C 165 -39.56 11.92 3.04
N PRO C 166 -40.66 11.18 2.85
CA PRO C 166 -40.56 9.72 2.98
C PRO C 166 -39.98 9.06 1.72
N GLY C 167 -39.79 9.81 0.64
CA GLY C 167 -38.98 9.28 -0.47
C GLY C 167 -37.52 9.49 -0.23
N ILE C 168 -37.13 10.58 0.39
CA ILE C 168 -35.76 10.79 0.88
C ILE C 168 -35.40 9.71 1.90
N ALA C 169 -36.35 9.32 2.74
CA ALA C 169 -36.11 8.21 3.67
C ALA C 169 -35.78 6.90 2.95
N GLU C 170 -36.49 6.62 1.90
CA GLU C 170 -36.28 5.40 1.10
C GLU C 170 -34.95 5.51 0.40
N ALA C 171 -34.55 6.67 -0.05
CA ALA C 171 -33.23 6.87 -0.68
C ALA C 171 -32.17 6.61 0.38
N LEU C 172 -32.34 7.18 1.57
CA LEU C 172 -31.27 7.05 2.59
C LEU C 172 -31.08 5.59 2.99
N ILE C 173 -32.17 4.83 3.11
CA ILE C 173 -32.04 3.45 3.62
C ILE C 173 -31.15 2.62 2.70
N ALA C 174 -31.01 2.98 1.48
CA ALA C 174 -30.07 2.30 0.57
C ALA C 174 -28.65 2.31 1.11
N THR C 175 -28.13 3.46 1.43
CA THR C 175 -26.76 3.55 1.97
C THR C 175 -26.74 3.09 3.40
N ALA C 176 -27.84 3.16 4.16
CA ALA C 176 -27.83 2.58 5.52
C ALA C 176 -27.61 1.06 5.45
N ILE C 177 -28.35 0.39 4.58
CA ILE C 177 -28.18 -1.06 4.41
C ILE C 177 -26.82 -1.37 3.82
N GLY C 178 -26.32 -0.51 2.93
CA GLY C 178 -24.97 -0.71 2.41
C GLY C 178 -23.92 -0.69 3.49
N LEU C 179 -24.00 0.26 4.42
CA LEU C 179 -23.02 0.26 5.53
C LEU C 179 -23.27 -0.89 6.48
N PHE C 180 -24.52 -1.29 6.68
CA PHE C 180 -24.78 -2.44 7.58
C PHE C 180 -24.20 -3.74 7.00
N ALA C 181 -24.20 -3.86 5.68
CA ALA C 181 -23.64 -5.03 5.00
C ALA C 181 -22.12 -4.88 4.77
N ALA C 182 -21.59 -3.69 5.02
CA ALA C 182 -20.13 -3.49 4.88
C ALA C 182 -19.38 -3.60 6.21
N ILE C 183 -20.01 -3.37 7.36
CA ILE C 183 -19.29 -3.44 8.63
C ILE C 183 -18.73 -4.85 8.88
N PRO C 184 -19.54 -5.92 8.86
CA PRO C 184 -18.96 -7.25 9.07
C PRO C 184 -17.85 -7.61 8.09
N ALA C 185 -17.99 -7.22 6.84
CA ALA C 185 -17.00 -7.57 5.81
C ALA C 185 -15.65 -6.96 6.14
N VAL C 186 -15.61 -5.68 6.46
CA VAL C 186 -14.35 -5.00 6.78
C VAL C 186 -13.75 -5.57 8.06
N LEU C 187 -14.59 -5.72 9.09
CA LEU C 187 -14.09 -6.26 10.37
C LEU C 187 -13.47 -7.63 10.18
N ALA C 188 -14.22 -8.52 9.52
CA ALA C 188 -13.75 -9.91 9.36
C ALA C 188 -12.53 -9.94 8.46
N PHE C 189 -12.49 -9.14 7.42
CA PHE C 189 -11.32 -9.12 6.52
C PHE C 189 -10.08 -8.74 7.30
N ASN C 190 -10.14 -7.66 8.05
CA ASN C 190 -8.93 -7.23 8.81
C ASN C 190 -8.52 -8.28 9.82
N HIS C 191 -9.47 -8.73 10.65
CA HIS C 191 -9.16 -9.71 11.68
C HIS C 191 -8.57 -11.00 11.09
N PHE C 192 -9.18 -11.45 10.00
CA PHE C 192 -8.80 -12.76 9.44
C PHE C 192 -7.54 -12.69 8.64
N THR C 193 -7.24 -11.57 8.00
CA THR C 193 -5.91 -11.45 7.36
C THR C 193 -4.83 -11.34 8.41
N ALA C 194 -5.12 -10.70 9.55
CA ALA C 194 -4.15 -10.71 10.65
C ALA C 194 -3.90 -12.13 11.14
N LYS C 195 -4.97 -12.90 11.32
CA LYS C 195 -4.80 -14.30 11.75
C LYS C 195 -4.07 -15.12 10.68
N SER C 196 -4.33 -14.86 9.43
CA SER C 196 -3.64 -15.55 8.33
C SER C 196 -2.14 -15.25 8.35
N GLU C 197 -1.78 -14.01 8.56
CA GLU C 197 -0.35 -13.65 8.68
C GLU C 197 0.27 -14.36 9.86
N SER C 198 -0.43 -14.40 10.99
CA SER C 198 0.11 -15.09 12.18
C SER C 198 0.34 -16.56 11.89
N VAL C 199 -0.64 -17.22 11.28
CA VAL C 199 -0.53 -18.66 11.01
C VAL C 199 0.60 -18.93 10.03
N TYR C 200 0.70 -18.14 8.98
CA TYR C 200 1.75 -18.35 7.96
C TYR C 200 3.12 -18.12 8.58
N SER C 201 3.25 -17.10 9.44
CA SER C 201 4.53 -16.84 10.09
C SER C 201 4.92 -18.03 10.95
N ASP C 202 3.95 -18.57 11.71
CA ASP C 202 4.25 -19.73 12.56
C ASP C 202 4.69 -20.90 11.71
N ARG C 203 3.99 -21.15 10.61
CA ARG C 203 4.35 -22.29 9.74
C ARG C 203 5.74 -22.09 9.14
N ALA C 204 6.06 -20.88 8.72
CA ALA C 204 7.38 -20.62 8.11
C ALA C 204 8.47 -20.80 9.15
N LEU C 205 8.24 -20.34 10.37
CA LEU C 205 9.26 -20.53 11.44
C LEU C 205 9.44 -22.02 11.72
N PHE C 206 8.37 -22.79 11.74
CA PHE C 206 8.52 -24.23 11.92
C PHE C 206 9.29 -24.86 10.77
N ALA C 207 9.03 -24.40 9.56
CA ALA C 207 9.75 -24.96 8.38
C ALA C 207 11.24 -24.64 8.51
N GLU C 208 11.59 -23.44 8.96
CA GLU C 208 13.00 -23.13 9.15
C GLU C 208 13.64 -23.98 10.24
N GLU C 209 12.93 -24.20 11.33
CA GLU C 209 13.45 -25.06 12.42
C GLU C 209 13.58 -26.49 11.94
N MET C 210 12.65 -26.96 11.13
CA MET C 210 12.75 -28.32 10.58
C MET C 210 13.97 -28.42 9.70
N ILE C 211 14.23 -27.43 8.85
CA ILE C 211 15.46 -27.50 8.02
C ILE C 211 16.69 -27.47 8.88
N ALA C 212 16.67 -26.69 9.96
CA ALA C 212 17.81 -26.65 10.89
C ALA C 212 18.08 -28.03 11.48
N LEU C 213 17.03 -28.68 11.95
CA LEU C 213 17.20 -30.01 12.57
C LEU C 213 17.69 -31.01 11.55
N LEU C 214 17.11 -30.99 10.35
CA LEU C 214 17.53 -31.96 9.30
C LEU C 214 18.98 -31.75 8.92
N GLN C 215 19.39 -30.50 8.75
CA GLN C 215 20.79 -30.21 8.38
C GLN C 215 21.72 -30.68 9.49
N ARG C 216 21.35 -30.37 10.74
CA ARG C 216 22.25 -30.70 11.87
C ARG C 216 22.39 -32.21 11.99
N GLN C 217 21.30 -32.96 11.84
CA GLN C 217 21.41 -34.42 11.98
C GLN C 217 22.04 -35.03 10.74
N SER C 218 21.94 -34.39 9.60
CA SER C 218 22.40 -35.01 8.34
C SER C 218 23.88 -34.81 8.16
N VAL C 219 24.43 -33.67 8.57
CA VAL C 219 25.88 -33.48 8.37
C VAL C 219 26.66 -34.46 9.26
N GLY C 220 26.19 -34.76 10.47
CA GLY C 220 26.82 -35.78 11.29
C GLY C 220 28.17 -35.35 11.85
N SER D 1 -37.30 6.56 -15.11
CA SER D 1 -37.10 7.99 -15.44
C SER D 1 -36.16 8.13 -16.64
N THR D 2 -36.16 7.13 -17.51
CA THR D 2 -35.24 7.09 -18.66
C THR D 2 -35.59 8.17 -19.68
N LEU D 3 -36.78 8.73 -19.62
CA LEU D 3 -37.22 9.77 -20.59
C LEU D 3 -36.66 11.15 -20.25
N HIS D 4 -36.25 11.37 -19.01
CA HIS D 4 -35.93 12.72 -18.52
C HIS D 4 -34.47 12.88 -18.10
N ILE D 5 -33.80 11.79 -17.76
CA ILE D 5 -32.36 11.86 -17.39
C ILE D 5 -31.55 12.31 -18.59
N SER D 6 -31.91 11.91 -19.80
CA SER D 6 -31.25 12.42 -21.02
C SER D 6 -31.32 13.95 -21.10
N ASP D 7 -32.51 14.49 -20.87
CA ASP D 7 -32.68 15.96 -20.88
C ASP D 7 -31.87 16.59 -19.75
N LEU D 8 -31.84 15.96 -18.59
CA LEU D 8 -30.98 16.46 -17.48
C LEU D 8 -29.50 16.48 -17.90
N ILE D 9 -29.11 15.54 -18.77
CA ILE D 9 -27.73 15.55 -19.29
C ILE D 9 -27.56 16.71 -20.24
N LEU D 10 -28.55 16.99 -21.10
CA LEU D 10 -28.34 18.05 -22.13
C LEU D 10 -28.03 19.45 -21.59
N GLN D 11 -28.92 20.08 -20.83
CA GLN D 11 -28.67 21.50 -20.47
C GLN D 11 -27.83 21.60 -19.19
N ALA D 12 -27.00 20.61 -18.89
CA ALA D 12 -26.06 20.71 -17.77
C ALA D 12 -24.93 21.67 -18.14
N SER D 13 -24.09 21.94 -17.15
CA SER D 13 -22.91 22.78 -17.36
C SER D 13 -21.96 22.09 -18.32
N PRO D 14 -21.26 22.79 -19.21
CA PRO D 14 -20.35 22.14 -20.13
C PRO D 14 -19.22 21.33 -19.48
N VAL D 15 -18.68 21.82 -18.38
CA VAL D 15 -17.56 21.11 -17.72
C VAL D 15 -18.07 19.83 -17.08
N VAL D 16 -19.22 19.89 -16.42
CA VAL D 16 -19.77 18.65 -15.83
C VAL D 16 -20.20 17.69 -16.94
N GLN D 17 -20.68 18.19 -18.04
CA GLN D 17 -20.99 17.35 -19.23
C GLN D 17 -19.73 16.64 -19.71
N LEU D 18 -18.62 17.34 -19.77
CA LEU D 18 -17.32 16.71 -20.07
C LEU D 18 -16.99 15.64 -19.02
N VAL D 19 -17.31 15.90 -17.77
CA VAL D 19 -17.09 14.91 -16.70
C VAL D 19 -17.89 13.62 -16.96
N MET D 20 -19.16 13.74 -17.25
CA MET D 20 -19.96 12.54 -17.53
C MET D 20 -19.51 11.87 -18.83
N LEU D 21 -19.06 12.62 -19.80
CA LEU D 21 -18.53 12.03 -21.03
C LEU D 21 -17.31 11.18 -20.73
N ILE D 22 -16.37 11.70 -19.95
CA ILE D 22 -15.19 10.92 -19.56
C ILE D 22 -15.61 9.67 -18.77
N LEU D 23 -16.55 9.83 -17.86
CA LEU D 23 -16.97 8.66 -17.06
C LEU D 23 -17.67 7.60 -17.89
N LEU D 24 -18.49 7.99 -18.84
CA LEU D 24 -19.14 7.01 -19.75
C LEU D 24 -18.09 6.32 -20.60
N LEU D 25 -17.13 7.05 -21.13
CA LEU D 25 -16.06 6.40 -21.92
C LEU D 25 -15.26 5.45 -21.05
N ALA D 26 -14.98 5.83 -19.81
CA ALA D 26 -14.27 4.95 -18.87
C ALA D 26 -15.09 3.68 -18.58
N SER D 27 -16.39 3.82 -18.42
CA SER D 27 -17.26 2.66 -18.16
C SER D 27 -17.26 1.72 -19.37
N ILE D 28 -17.38 2.24 -20.56
CA ILE D 28 -17.34 1.40 -21.77
C ILE D 28 -16.00 0.72 -21.91
N PHE D 29 -14.92 1.45 -21.68
CA PHE D 29 -13.56 0.89 -21.79
C PHE D 29 -13.40 -0.23 -20.77
N SER D 30 -13.87 -0.01 -19.55
CA SER D 30 -13.77 -1.02 -18.48
C SER D 30 -14.56 -2.28 -18.84
N TRP D 31 -15.76 -2.12 -19.37
CA TRP D 31 -16.57 -3.30 -19.75
C TRP D 31 -15.88 -4.05 -20.89
N TYR D 32 -15.31 -3.33 -21.84
CA TYR D 32 -14.56 -3.99 -22.93
C TYR D 32 -13.42 -4.80 -22.37
N LEU D 33 -12.67 -4.23 -21.44
CA LEU D 33 -11.52 -4.94 -20.83
C LEU D 33 -12.03 -6.17 -20.07
N ILE D 34 -13.15 -6.03 -19.36
CA ILE D 34 -13.68 -7.16 -18.60
C ILE D 34 -14.02 -8.31 -19.54
N ALA D 35 -14.72 -8.01 -20.62
CA ALA D 35 -15.11 -9.05 -21.58
C ALA D 35 -13.88 -9.72 -22.17
N LYS D 36 -12.92 -8.91 -22.62
CA LYS D 36 -11.74 -9.48 -23.30
C LYS D 36 -10.92 -10.32 -22.35
N LEU D 37 -10.70 -9.83 -21.13
CA LEU D 37 -9.89 -10.58 -20.17
C LEU D 37 -10.60 -11.86 -19.73
N HIS D 38 -11.93 -11.82 -19.59
CA HIS D 38 -12.67 -13.03 -19.26
C HIS D 38 -12.51 -14.08 -20.35
N MET D 39 -12.64 -13.66 -21.60
CA MET D 39 -12.45 -14.61 -22.72
C MET D 39 -11.05 -15.17 -22.71
N SER D 40 -10.05 -14.32 -22.51
CA SER D 40 -8.65 -14.76 -22.53
C SER D 40 -8.39 -15.77 -21.42
N TYR D 41 -8.89 -15.49 -20.21
CA TYR D 41 -8.63 -16.40 -19.07
C TYR D 41 -9.37 -17.71 -19.25
N LYS D 42 -10.58 -17.68 -19.80
CA LYS D 42 -11.29 -18.94 -20.09
C LYS D 42 -10.52 -19.77 -21.10
N LYS D 43 -10.01 -19.16 -22.14
CA LYS D 43 -9.20 -19.89 -23.13
C LYS D 43 -7.93 -20.43 -22.49
N ALA D 44 -7.29 -19.66 -21.64
CA ALA D 44 -6.07 -20.11 -20.94
C ALA D 44 -6.37 -21.32 -20.05
N ARG D 45 -7.46 -21.27 -19.31
CA ARG D 45 -7.85 -22.41 -18.45
C ARG D 45 -8.11 -23.67 -19.30
N GLN D 46 -8.84 -23.50 -20.40
CA GLN D 46 -9.15 -24.65 -21.26
C GLN D 46 -7.88 -25.26 -21.84
N ASP D 47 -6.98 -24.43 -22.35
CA ASP D 47 -5.71 -24.94 -22.91
C ASP D 47 -4.86 -25.56 -21.83
N ASP D 48 -4.84 -24.99 -20.64
CA ASP D 48 -4.09 -25.57 -19.52
C ASP D 48 -4.56 -26.98 -19.22
N GLU D 49 -5.89 -27.16 -19.05
CA GLU D 49 -6.40 -28.49 -18.73
C GLU D 49 -6.18 -29.46 -19.89
N HIS D 50 -6.31 -28.98 -21.11
CA HIS D 50 -6.09 -29.83 -22.29
C HIS D 50 -4.67 -30.34 -22.31
N PHE D 51 -3.70 -29.46 -22.09
CA PHE D 51 -2.30 -29.91 -22.18
C PHE D 51 -1.97 -30.75 -20.97
N GLN D 52 -2.59 -30.50 -19.83
CA GLN D 52 -2.31 -31.35 -18.64
C GLN D 52 -2.76 -32.76 -18.95
N LYS D 53 -3.94 -32.95 -19.45
CA LYS D 53 -4.43 -34.31 -19.72
C LYS D 53 -3.62 -34.92 -20.88
N MET D 54 -3.23 -34.12 -21.87
CA MET D 54 -2.48 -34.67 -22.98
C MET D 54 -1.06 -35.08 -22.58
N PHE D 55 -0.50 -34.43 -21.57
CA PHE D 55 0.79 -34.85 -21.01
C PHE D 55 0.65 -36.08 -20.15
N TRP D 56 -0.21 -36.03 -19.16
CA TRP D 56 -0.35 -37.17 -18.22
C TRP D 56 -1.22 -38.29 -18.78
N SER D 57 -1.46 -38.28 -20.07
CA SER D 57 -2.08 -39.45 -20.73
C SER D 57 -1.19 -40.70 -20.58
N GLY D 58 0.11 -40.47 -20.70
CA GLY D 58 1.11 -41.54 -20.57
C GLY D 58 2.02 -41.66 -21.77
N ALA D 59 2.08 -40.62 -22.58
CA ALA D 59 2.92 -40.58 -23.77
C ALA D 59 4.36 -40.35 -23.36
N GLU D 60 5.24 -40.35 -24.36
CA GLU D 60 6.69 -40.16 -24.17
C GLU D 60 7.11 -38.76 -24.66
N LEU D 61 8.13 -38.23 -24.03
CA LEU D 61 8.48 -36.79 -24.14
C LEU D 61 8.80 -36.42 -25.59
N ASN D 62 9.47 -37.25 -26.34
CA ASN D 62 9.83 -36.92 -27.71
C ASN D 62 8.58 -36.75 -28.60
N THR D 63 7.59 -37.59 -28.38
CA THR D 63 6.35 -37.50 -29.14
C THR D 63 5.64 -36.18 -28.88
N LEU D 64 5.56 -35.79 -27.62
CA LEU D 64 4.93 -34.50 -27.29
C LEU D 64 5.78 -33.37 -27.79
N TYR D 65 7.07 -33.49 -27.86
CA TYR D 65 7.94 -32.47 -28.48
C TYR D 65 7.62 -32.33 -29.98
N ASN D 66 7.40 -33.45 -30.65
CA ASN D 66 6.98 -33.40 -32.06
C ASN D 66 5.62 -32.72 -32.21
N ASN D 67 4.68 -33.06 -31.32
CA ASN D 67 3.38 -32.37 -31.32
C ASN D 67 3.53 -30.85 -31.12
N ALA D 68 4.45 -30.46 -30.24
CA ALA D 68 4.75 -29.07 -30.03
C ALA D 68 5.42 -28.42 -31.26
N GLN D 69 6.10 -29.23 -32.05
CA GLN D 69 6.66 -28.74 -33.34
C GLN D 69 5.50 -28.44 -34.28
N LEU D 70 4.62 -29.40 -34.47
CA LEU D 70 3.65 -29.30 -35.60
C LEU D 70 2.53 -28.33 -35.26
N ASN D 71 2.23 -28.13 -34.00
CA ASN D 71 1.10 -27.24 -33.62
C ASN D 71 1.65 -25.83 -33.72
N SER D 72 1.50 -25.19 -34.86
CA SER D 72 1.92 -23.80 -35.05
C SER D 72 1.09 -22.83 -34.25
N LYS D 73 -0.13 -23.21 -33.87
CA LYS D 73 -1.03 -22.32 -33.11
C LYS D 73 -0.86 -22.51 -31.60
N ARG D 74 0.30 -22.99 -31.20
CA ARG D 74 0.56 -23.32 -29.79
C ARG D 74 0.54 -22.07 -28.92
N SER D 75 0.02 -22.23 -27.71
CA SER D 75 -0.02 -21.15 -26.71
C SER D 75 -0.11 -21.78 -25.34
N GLY D 76 0.19 -20.99 -24.32
CA GLY D 76 0.14 -21.45 -22.95
C GLY D 76 1.23 -22.46 -22.65
N LEU D 77 0.90 -23.42 -21.83
CA LEU D 77 1.88 -24.45 -21.37
C LEU D 77 2.52 -25.18 -22.55
N GLU D 78 1.75 -25.35 -23.63
CA GLU D 78 2.29 -25.87 -24.89
C GLU D 78 3.59 -25.16 -25.22
N ASP D 79 3.50 -23.86 -25.44
CA ASP D 79 4.69 -23.06 -25.73
C ASP D 79 5.70 -23.11 -24.59
N ILE D 80 5.22 -23.03 -23.37
CA ILE D 80 6.10 -23.11 -22.18
C ILE D 80 6.88 -24.44 -22.30
N PHE D 81 6.13 -25.54 -22.41
CA PHE D 81 6.78 -26.83 -22.58
C PHE D 81 7.64 -26.82 -23.82
N TYR D 82 7.11 -26.38 -24.94
CA TYR D 82 7.84 -26.30 -26.19
C TYR D 82 9.16 -25.55 -26.03
N GLN D 83 9.19 -24.55 -25.16
CA GLN D 83 10.45 -23.83 -24.97
C GLN D 83 11.36 -24.63 -24.05
N GLY D 84 10.87 -24.97 -22.90
CA GLY D 84 11.75 -25.46 -21.82
C GLY D 84 12.54 -26.68 -22.20
N LEU D 85 11.86 -27.77 -22.48
CA LEU D 85 12.53 -29.02 -22.88
C LEU D 85 13.34 -28.83 -24.15
N SER D 86 12.98 -27.87 -24.97
CA SER D 86 13.81 -27.55 -26.16
C SER D 86 15.24 -27.17 -25.74
N GLU D 87 15.32 -26.27 -24.77
CA GLU D 87 16.61 -25.92 -24.21
C GLU D 87 17.33 -27.14 -23.71
N PHE D 88 16.62 -28.07 -23.14
CA PHE D 88 17.19 -29.34 -22.66
C PHE D 88 17.86 -30.07 -23.84
N PHE D 89 17.15 -30.20 -24.95
CA PHE D 89 17.78 -30.77 -26.14
C PHE D 89 19.00 -29.99 -26.60
N LYS D 90 18.92 -28.69 -26.50
CA LYS D 90 20.04 -27.83 -26.95
C LYS D 90 21.23 -27.96 -26.03
N LEU D 91 21.06 -28.50 -24.79
CA LEU D 91 22.23 -28.87 -24.02
C LEU D 91 22.44 -30.37 -23.97
N LYS D 92 21.70 -31.16 -24.73
CA LYS D 92 22.00 -32.58 -24.91
C LYS D 92 22.67 -32.88 -26.22
N LYS D 93 22.50 -32.03 -27.20
CA LYS D 93 23.25 -32.16 -28.46
C LYS D 93 24.74 -31.96 -28.19
N ARG D 94 25.10 -31.00 -27.34
CA ARG D 94 26.48 -30.97 -26.84
C ARG D 94 26.55 -31.74 -25.53
N GLN D 95 27.66 -32.38 -25.25
CA GLN D 95 27.82 -33.12 -24.00
C GLN D 95 27.85 -32.13 -22.82
N ALA D 96 27.03 -32.39 -21.83
CA ALA D 96 26.87 -31.48 -20.69
C ALA D 96 26.40 -32.28 -19.49
N PRO D 97 26.77 -31.91 -18.26
CA PRO D 97 26.28 -32.62 -17.09
C PRO D 97 24.84 -32.21 -16.77
N THR D 98 24.15 -33.06 -16.05
CA THR D 98 22.74 -32.88 -15.75
C THR D 98 22.51 -31.70 -14.84
N SER D 99 23.48 -31.31 -14.00
CA SER D 99 23.22 -30.22 -13.03
C SER D 99 22.87 -28.92 -13.75
N GLN D 100 23.80 -28.35 -14.49
CA GLN D 100 23.50 -27.10 -15.19
C GLN D 100 22.53 -27.37 -16.33
N MET D 101 22.38 -28.57 -16.78
CA MET D 101 21.29 -28.94 -17.72
C MET D 101 19.92 -28.57 -17.13
N ILE D 102 19.67 -29.05 -15.94
CA ILE D 102 18.38 -28.76 -15.26
C ILE D 102 18.35 -27.30 -14.89
N GLU D 103 19.49 -26.72 -14.50
CA GLU D 103 19.53 -25.28 -14.21
C GLU D 103 19.05 -24.41 -15.41
N GLY D 104 19.59 -24.69 -16.57
CA GLY D 104 19.20 -23.97 -17.76
C GLY D 104 17.78 -24.24 -18.18
N THR D 105 17.32 -25.47 -18.06
CA THR D 105 15.94 -25.83 -18.36
C THR D 105 14.98 -25.07 -17.44
N GLU D 106 15.26 -25.05 -16.14
CA GLU D 106 14.34 -24.38 -15.23
C GLU D 106 14.44 -22.90 -15.46
N ARG D 107 15.56 -22.36 -15.84
CA ARG D 107 15.65 -20.92 -16.18
C ARG D 107 14.74 -20.57 -17.36
N ILE D 108 14.74 -21.41 -18.38
CA ILE D 108 13.89 -21.16 -19.55
C ILE D 108 12.43 -21.30 -19.17
N LEU D 109 12.09 -22.31 -18.33
CA LEU D 109 10.71 -22.41 -17.85
C LEU D 109 10.29 -21.13 -17.09
N ARG D 110 11.17 -20.61 -16.24
CA ARG D 110 10.81 -19.40 -15.48
C ARG D 110 10.63 -18.21 -16.40
N VAL D 111 11.49 -18.06 -17.40
CA VAL D 111 11.37 -16.95 -18.36
C VAL D 111 10.05 -17.08 -19.11
N GLY D 112 9.74 -18.28 -19.57
CA GLY D 112 8.49 -18.47 -20.32
C GLY D 112 7.27 -18.20 -19.50
N LEU D 113 7.26 -18.69 -18.27
CA LEU D 113 6.12 -18.45 -17.35
C LEU D 113 5.95 -16.96 -17.09
N SER D 114 7.04 -16.25 -16.81
CA SER D 114 6.95 -14.81 -16.53
C SER D 114 6.43 -14.06 -17.76
N ARG D 115 6.96 -14.39 -18.93
CA ARG D 115 6.53 -13.73 -20.17
C ARG D 115 5.05 -13.98 -20.45
N ASP D 116 4.61 -15.21 -20.36
CA ASP D 116 3.21 -15.55 -20.67
C ASP D 116 2.27 -14.95 -19.62
N GLN D 117 2.65 -14.94 -18.36
CA GLN D 117 1.81 -14.34 -17.33
C GLN D 117 1.71 -12.83 -17.50
N GLY D 118 2.82 -12.17 -17.88
CA GLY D 118 2.76 -10.75 -18.20
C GLY D 118 1.86 -10.47 -19.39
N SER D 119 1.90 -11.37 -20.39
CA SER D 119 1.01 -11.25 -21.55
C SER D 119 -0.43 -11.57 -21.19
N LEU D 120 -0.66 -12.26 -20.07
CA LEU D 120 -2.03 -12.65 -19.70
C LEU D 120 -2.76 -11.55 -18.94
N GLU D 121 -2.11 -10.95 -17.95
CA GLU D 121 -2.66 -9.79 -17.23
C GLU D 121 -2.45 -8.55 -18.10
N TYR D 122 -3.24 -8.41 -19.15
CA TYR D 122 -3.00 -7.35 -20.13
C TYR D 122 -3.31 -5.98 -19.53
N GLY D 123 -4.55 -5.77 -19.12
CA GLY D 123 -5.00 -4.43 -18.74
C GLY D 123 -5.71 -4.35 -17.41
N LEU D 124 -5.47 -5.28 -16.49
CA LEU D 124 -6.13 -5.18 -15.18
C LEU D 124 -5.57 -4.03 -14.38
N GLY D 125 -4.39 -3.53 -14.65
CA GLY D 125 -3.94 -2.27 -14.02
C GLY D 125 -4.81 -1.10 -14.40
N THR D 126 -5.28 -1.08 -15.65
CA THR D 126 -6.23 -0.05 -16.07
C THR D 126 -7.53 -0.18 -15.29
N LEU D 127 -8.00 -1.39 -15.07
CA LEU D 127 -9.17 -1.60 -14.20
C LEU D 127 -8.93 -1.09 -12.80
N ALA D 128 -7.76 -1.33 -12.26
CA ALA D 128 -7.41 -0.81 -10.91
C ALA D 128 -7.48 0.69 -10.89
N SER D 129 -6.88 1.33 -11.91
CA SER D 129 -6.85 2.81 -11.97
C SER D 129 -8.29 3.35 -12.07
N ILE D 130 -9.09 2.75 -12.94
CA ILE D 130 -10.47 3.23 -13.12
C ILE D 130 -11.26 3.09 -11.82
N GLY D 131 -11.18 1.91 -11.23
CA GLY D 131 -11.94 1.66 -10.00
C GLY D 131 -11.45 2.48 -8.84
N SER D 132 -10.21 2.94 -8.88
CA SER D 132 -9.67 3.77 -7.79
C SER D 132 -9.93 5.25 -7.99
N VAL D 133 -10.06 5.70 -9.24
CA VAL D 133 -10.07 7.15 -9.53
C VAL D 133 -11.45 7.65 -9.91
N ALA D 134 -12.25 6.85 -10.58
CA ALA D 134 -13.59 7.32 -11.03
C ALA D 134 -14.46 7.85 -9.88
N PRO D 135 -14.45 7.29 -8.66
CA PRO D 135 -15.06 8.02 -7.54
C PRO D 135 -14.58 9.45 -7.35
N TYR D 136 -13.32 9.72 -7.57
CA TYR D 136 -12.77 11.08 -7.36
C TYR D 136 -13.21 11.99 -8.50
N ILE D 137 -13.34 11.46 -9.70
CA ILE D 137 -13.88 12.29 -10.81
C ILE D 137 -15.34 12.60 -10.54
N GLY D 138 -16.09 11.63 -10.04
CA GLY D 138 -17.47 11.89 -9.60
C GLY D 138 -17.53 12.88 -8.49
N LEU D 139 -16.56 12.88 -7.59
CA LEU D 139 -16.45 13.89 -6.52
C LEU D 139 -16.25 15.29 -7.12
N PHE D 140 -15.38 15.38 -8.12
CA PHE D 140 -15.13 16.65 -8.79
C PHE D 140 -16.44 17.13 -9.45
N GLY D 141 -17.17 16.19 -10.09
CA GLY D 141 -18.39 16.57 -10.75
C GLY D 141 -19.41 17.09 -9.77
N THR D 142 -19.58 16.42 -8.67
CA THR D 142 -20.60 16.82 -7.67
C THR D 142 -20.16 18.11 -7.01
N VAL D 143 -18.90 18.33 -6.75
CA VAL D 143 -18.46 19.62 -6.19
C VAL D 143 -18.76 20.75 -7.16
N TRP D 144 -18.47 20.54 -8.45
CA TRP D 144 -18.74 21.61 -9.41
C TRP D 144 -20.27 21.84 -9.54
N GLY D 145 -21.06 20.77 -9.45
CA GLY D 145 -22.50 20.96 -9.50
C GLY D 145 -23.05 21.76 -8.37
N ILE D 146 -22.61 21.45 -7.17
CA ILE D 146 -23.01 22.23 -5.97
C ILE D 146 -22.48 23.66 -6.09
N MET D 147 -21.32 23.84 -6.67
CA MET D 147 -20.80 25.19 -6.89
C MET D 147 -21.70 26.00 -7.81
N ASN D 148 -22.12 25.40 -8.90
CA ASN D 148 -23.06 26.08 -9.83
C ASN D 148 -24.40 26.36 -9.16
N ALA D 149 -24.85 25.42 -8.34
CA ALA D 149 -26.09 25.63 -7.59
C ALA D 149 -25.98 26.85 -6.67
N PHE D 150 -24.87 26.98 -6.01
CA PHE D 150 -24.65 28.16 -5.12
C PHE D 150 -24.49 29.44 -5.91
N ILE D 151 -23.85 29.41 -7.08
CA ILE D 151 -23.76 30.59 -7.95
C ILE D 151 -25.17 31.03 -8.36
N GLY D 152 -26.00 30.08 -8.78
CA GLY D 152 -27.37 30.41 -9.16
C GLY D 152 -28.16 30.91 -7.96
N LEU D 153 -27.88 30.38 -6.76
CA LEU D 153 -28.54 30.88 -5.56
C LEU D 153 -28.13 32.33 -5.24
N ALA D 154 -26.89 32.64 -5.47
CA ALA D 154 -26.34 33.99 -5.19
C ALA D 154 -26.96 35.00 -6.17
N ALA D 155 -27.13 34.57 -7.41
CA ALA D 155 -27.68 35.50 -8.44
C ALA D 155 -29.14 35.87 -8.10
N VAL D 156 -29.94 34.89 -7.74
CA VAL D 156 -31.38 35.14 -7.49
C VAL D 156 -31.56 35.70 -6.07
N ASP D 157 -32.42 36.69 -5.93
CA ASP D 157 -32.65 37.37 -4.64
C ASP D 157 -33.42 36.48 -3.69
N GLN D 158 -34.37 35.70 -4.18
CA GLN D 158 -35.23 34.85 -3.33
C GLN D 158 -34.86 33.40 -3.58
N VAL D 159 -34.81 32.63 -2.51
CA VAL D 159 -34.51 31.18 -2.61
C VAL D 159 -35.72 30.43 -3.15
N THR D 160 -35.48 29.54 -4.09
CA THR D 160 -36.56 28.81 -4.77
C THR D 160 -36.02 27.47 -5.26
N LEU D 161 -36.89 26.46 -5.28
CA LEU D 161 -36.49 25.14 -5.79
C LEU D 161 -36.07 25.22 -7.26
N ALA D 162 -36.73 26.07 -8.02
CA ALA D 162 -36.41 26.24 -9.44
C ALA D 162 -35.01 26.81 -9.66
N THR D 163 -34.41 27.42 -8.63
CA THR D 163 -33.06 27.97 -8.73
C THR D 163 -31.99 26.94 -8.38
N VAL D 164 -32.24 26.13 -7.37
CA VAL D 164 -31.23 25.15 -6.90
C VAL D 164 -31.34 23.82 -7.63
N ALA D 165 -32.46 23.54 -8.29
CA ALA D 165 -32.66 22.25 -8.96
C ALA D 165 -31.57 21.89 -9.95
N PRO D 166 -31.13 22.73 -10.92
CA PRO D 166 -30.25 22.18 -11.95
C PRO D 166 -28.85 21.88 -11.45
N GLY D 167 -28.34 22.65 -10.48
CA GLY D 167 -26.99 22.36 -9.99
C GLY D 167 -26.96 21.06 -9.21
N ILE D 168 -27.97 20.85 -8.34
CA ILE D 168 -28.02 19.58 -7.61
C ILE D 168 -28.25 18.43 -8.57
N ALA D 169 -29.01 18.65 -9.64
CA ALA D 169 -29.17 17.62 -10.69
C ALA D 169 -27.84 17.20 -11.31
N GLU D 170 -27.04 18.21 -11.65
CA GLU D 170 -25.70 17.93 -12.22
C GLU D 170 -24.86 17.16 -11.20
N ALA D 171 -24.91 17.58 -9.93
CA ALA D 171 -24.07 16.94 -8.92
C ALA D 171 -24.47 15.48 -8.72
N LEU D 172 -25.76 15.22 -8.63
CA LEU D 172 -26.26 13.86 -8.38
C LEU D 172 -25.99 12.97 -9.58
N ILE D 173 -26.17 13.47 -10.79
CA ILE D 173 -25.92 12.63 -11.98
C ILE D 173 -24.43 12.33 -12.04
N ALA D 174 -23.59 13.31 -11.75
CA ALA D 174 -22.13 13.06 -11.78
C ALA D 174 -21.75 11.97 -10.77
N THR D 175 -22.25 12.07 -9.54
CA THR D 175 -21.96 11.06 -8.54
C THR D 175 -22.47 9.64 -8.92
N ALA D 176 -23.68 9.61 -9.49
CA ALA D 176 -24.27 8.33 -9.90
C ALA D 176 -23.44 7.69 -11.01
N ILE D 177 -23.04 8.47 -12.01
CA ILE D 177 -22.25 7.92 -13.11
C ILE D 177 -20.87 7.51 -12.61
N GLY D 178 -20.30 8.28 -11.67
CA GLY D 178 -19.02 7.87 -11.10
C GLY D 178 -19.11 6.51 -10.39
N LEU D 179 -20.17 6.32 -9.59
CA LEU D 179 -20.31 5.04 -8.90
C LEU D 179 -20.57 3.91 -9.90
N PHE D 180 -21.39 4.17 -10.91
CA PHE D 180 -21.73 3.11 -11.87
C PHE D 180 -20.53 2.70 -12.72
N ALA D 181 -19.63 3.64 -12.96
CA ALA D 181 -18.37 3.32 -13.70
C ALA D 181 -17.26 2.80 -12.77
N ALA D 182 -17.43 2.96 -11.44
CA ALA D 182 -16.41 2.48 -10.51
C ALA D 182 -16.65 1.02 -10.02
N ILE D 183 -17.91 0.66 -9.77
CA ILE D 183 -18.17 -0.61 -9.09
C ILE D 183 -17.74 -1.83 -9.93
N PRO D 184 -18.17 -1.98 -11.20
CA PRO D 184 -17.70 -3.12 -11.97
C PRO D 184 -16.19 -3.23 -12.12
N ALA D 185 -15.49 -2.10 -12.18
CA ALA D 185 -14.02 -2.12 -12.28
C ALA D 185 -13.40 -2.80 -11.06
N VAL D 186 -13.83 -2.42 -9.87
CA VAL D 186 -13.31 -3.00 -8.63
C VAL D 186 -13.65 -4.49 -8.56
N LEU D 187 -14.90 -4.84 -8.88
CA LEU D 187 -15.28 -6.27 -8.79
C LEU D 187 -14.41 -7.10 -9.74
N ALA D 188 -14.31 -6.62 -11.01
CA ALA D 188 -13.55 -7.36 -12.01
C ALA D 188 -12.07 -7.45 -11.61
N PHE D 189 -11.52 -6.36 -11.08
CA PHE D 189 -10.10 -6.38 -10.72
C PHE D 189 -9.85 -7.40 -9.63
N ASN D 190 -10.68 -7.41 -8.60
CA ASN D 190 -10.45 -8.41 -7.53
C ASN D 190 -10.59 -9.83 -8.05
N HIS D 191 -11.69 -10.11 -8.78
CA HIS D 191 -11.92 -11.46 -9.29
C HIS D 191 -10.75 -11.91 -10.16
N PHE D 192 -10.33 -11.02 -11.05
CA PHE D 192 -9.37 -11.44 -12.09
C PHE D 192 -7.96 -11.50 -11.54
N THR D 193 -7.62 -10.70 -10.53
CA THR D 193 -6.30 -10.87 -9.92
C THR D 193 -6.27 -12.16 -9.12
N ALA D 194 -7.38 -12.53 -8.46
CA ALA D 194 -7.41 -13.82 -7.76
C ALA D 194 -7.22 -14.97 -8.76
N LYS D 195 -7.94 -14.91 -9.88
CA LYS D 195 -7.82 -16.00 -10.85
C LYS D 195 -6.47 -16.01 -11.51
N SER D 196 -5.87 -14.87 -11.71
CA SER D 196 -4.48 -14.78 -12.26
C SER D 196 -3.48 -15.41 -11.29
N GLU D 197 -3.64 -15.15 -10.01
CA GLU D 197 -2.77 -15.81 -9.01
C GLU D 197 -2.96 -17.33 -9.05
N SER D 198 -4.19 -17.78 -9.17
CA SER D 198 -4.46 -19.23 -9.31
C SER D 198 -3.72 -19.81 -10.53
N VAL D 199 -3.82 -19.14 -11.67
CA VAL D 199 -3.18 -19.62 -12.90
C VAL D 199 -1.66 -19.67 -12.70
N TYR D 200 -1.09 -18.61 -12.11
CA TYR D 200 0.36 -18.56 -11.93
C TYR D 200 0.82 -19.68 -10.98
N SER D 201 0.05 -19.92 -9.93
CA SER D 201 0.42 -20.98 -8.98
C SER D 201 0.42 -22.33 -9.68
N ASP D 202 -0.62 -22.58 -10.48
CA ASP D 202 -0.70 -23.85 -11.21
C ASP D 202 0.48 -23.98 -12.16
N ARG D 203 0.82 -22.92 -12.85
CA ARG D 203 1.95 -22.98 -13.82
C ARG D 203 3.25 -23.23 -13.09
N ALA D 204 3.47 -22.60 -11.95
CA ALA D 204 4.73 -22.80 -11.20
C ALA D 204 4.84 -24.25 -10.71
N LEU D 205 3.75 -24.80 -10.19
CA LEU D 205 3.74 -26.21 -9.77
C LEU D 205 4.03 -27.14 -10.95
N PHE D 206 3.45 -26.84 -12.10
CA PHE D 206 3.71 -27.65 -13.31
C PHE D 206 5.17 -27.56 -13.69
N ALA D 207 5.77 -26.38 -13.61
CA ALA D 207 7.19 -26.22 -13.98
C ALA D 207 8.06 -27.05 -13.03
N GLU D 208 7.73 -27.01 -11.73
CA GLU D 208 8.52 -27.78 -10.78
C GLU D 208 8.40 -29.30 -11.07
N GLU D 209 7.18 -29.75 -11.31
CA GLU D 209 7.02 -31.20 -11.58
C GLU D 209 7.70 -31.54 -12.91
N MET D 210 7.70 -30.65 -13.86
CA MET D 210 8.41 -30.86 -15.13
C MET D 210 9.89 -31.04 -14.88
N ILE D 211 10.50 -30.18 -14.08
CA ILE D 211 11.96 -30.32 -13.86
C ILE D 211 12.21 -31.61 -13.09
N ALA D 212 11.30 -31.97 -12.17
CA ALA D 212 11.47 -33.24 -11.45
C ALA D 212 11.46 -34.44 -12.41
N LEU D 213 10.51 -34.45 -13.34
CA LEU D 213 10.42 -35.55 -14.32
C LEU D 213 11.64 -35.58 -15.22
N LEU D 214 12.11 -34.44 -15.65
CA LEU D 214 13.35 -34.41 -16.48
C LEU D 214 14.55 -34.94 -15.68
N GLN D 215 14.64 -34.58 -14.41
CA GLN D 215 15.71 -35.10 -13.55
C GLN D 215 15.62 -36.64 -13.44
N ARG D 216 14.43 -37.16 -13.19
CA ARG D 216 14.26 -38.59 -13.04
C ARG D 216 14.50 -39.34 -14.36
N GLN D 217 14.22 -38.73 -15.47
CA GLN D 217 14.57 -39.32 -16.78
C GLN D 217 16.09 -39.28 -17.02
N SER D 218 16.72 -38.18 -16.60
CA SER D 218 18.17 -37.99 -16.85
C SER D 218 18.98 -39.00 -16.01
N VAL D 219 18.59 -39.21 -14.76
CA VAL D 219 19.24 -40.24 -13.94
C VAL D 219 18.96 -41.63 -14.52
N GLY D 220 17.80 -41.83 -15.10
CA GLY D 220 17.43 -43.12 -15.69
C GLY D 220 18.08 -43.32 -17.05
N THR E 2 -25.74 36.33 -13.36
CA THR E 2 -24.82 37.45 -13.57
C THR E 2 -23.51 37.23 -12.86
N LEU E 3 -23.30 36.05 -12.28
CA LEU E 3 -22.05 35.75 -11.55
C LEU E 3 -21.28 34.69 -12.34
N HIS E 4 -20.45 35.14 -13.25
CA HIS E 4 -19.60 34.20 -14.01
C HIS E 4 -18.46 33.69 -13.14
N ILE E 5 -17.88 32.58 -13.52
CA ILE E 5 -16.85 31.92 -12.70
C ILE E 5 -15.61 32.80 -12.63
N SER E 6 -15.20 33.34 -13.78
CA SER E 6 -13.98 34.19 -13.78
C SER E 6 -14.24 35.46 -12.97
N ASP E 7 -15.49 35.90 -12.88
CA ASP E 7 -15.80 37.07 -12.03
C ASP E 7 -15.49 36.78 -10.56
N LEU E 8 -15.81 35.59 -10.08
CA LEU E 8 -15.43 35.28 -8.69
C LEU E 8 -13.97 34.94 -8.59
N ILE E 9 -13.33 34.48 -9.66
CA ILE E 9 -11.85 34.31 -9.63
C ILE E 9 -11.14 35.67 -9.42
N LEU E 10 -11.57 36.70 -10.16
CA LEU E 10 -11.00 38.02 -9.98
C LEU E 10 -11.50 38.65 -8.67
N GLN E 11 -12.79 38.52 -8.39
CA GLN E 11 -13.34 39.05 -7.13
C GLN E 11 -13.06 38.02 -6.04
N ALA E 12 -11.85 38.05 -5.51
CA ALA E 12 -11.40 37.00 -4.56
C ALA E 12 -10.50 37.58 -3.50
N SER E 13 -10.54 36.98 -2.33
CA SER E 13 -9.56 37.27 -1.26
C SER E 13 -8.17 36.80 -1.72
N PRO E 14 -7.10 37.54 -1.36
CA PRO E 14 -5.79 37.22 -1.88
C PRO E 14 -5.30 35.82 -1.52
N VAL E 15 -5.64 35.31 -0.36
CA VAL E 15 -5.12 34.00 0.08
C VAL E 15 -5.65 32.87 -0.81
N VAL E 16 -6.95 32.86 -1.03
CA VAL E 16 -7.52 31.79 -1.86
C VAL E 16 -7.05 31.97 -3.30
N GLN E 17 -6.91 33.22 -3.75
CA GLN E 17 -6.40 33.47 -5.10
C GLN E 17 -4.99 32.91 -5.26
N LEU E 18 -4.15 33.11 -4.26
CA LEU E 18 -2.81 32.50 -4.26
C LEU E 18 -2.92 30.98 -4.29
N VAL E 19 -3.89 30.44 -3.59
CA VAL E 19 -4.08 28.97 -3.59
C VAL E 19 -4.41 28.47 -5.00
N MET E 20 -5.36 29.12 -5.68
CA MET E 20 -5.67 28.67 -7.04
C MET E 20 -4.48 28.90 -7.98
N LEU E 21 -3.72 29.96 -7.79
CA LEU E 21 -2.54 30.17 -8.63
C LEU E 21 -1.53 29.04 -8.45
N ILE E 22 -1.27 28.66 -7.21
CA ILE E 22 -0.33 27.55 -6.93
C ILE E 22 -0.85 26.26 -7.54
N LEU E 23 -2.12 26.02 -7.41
CA LEU E 23 -2.70 24.75 -7.95
C LEU E 23 -2.67 24.73 -9.45
N LEU E 24 -2.91 25.85 -10.10
CA LEU E 24 -2.81 25.90 -11.58
C LEU E 24 -1.39 25.65 -12.03
N LEU E 25 -0.43 26.28 -11.36
CA LEU E 25 0.98 26.03 -11.71
C LEU E 25 1.35 24.56 -11.49
N ALA E 26 0.86 23.97 -10.41
CA ALA E 26 1.11 22.55 -10.14
C ALA E 26 0.50 21.67 -11.23
N SER E 27 -0.70 22.01 -11.68
CA SER E 27 -1.35 21.24 -12.76
C SER E 27 -0.54 21.33 -14.06
N ILE E 28 -0.08 22.53 -14.40
CA ILE E 28 0.74 22.70 -15.62
C ILE E 28 2.04 21.91 -15.50
N PHE E 29 2.69 21.99 -14.37
CA PHE E 29 3.93 21.24 -14.14
C PHE E 29 3.70 19.73 -14.25
N SER E 30 2.59 19.25 -13.67
CA SER E 30 2.25 17.83 -13.75
C SER E 30 2.05 17.41 -15.22
N TRP E 31 1.33 18.23 -15.99
CA TRP E 31 1.12 17.90 -17.40
C TRP E 31 2.45 17.85 -18.17
N TYR E 32 3.35 18.79 -17.88
CA TYR E 32 4.67 18.78 -18.51
C TYR E 32 5.43 17.50 -18.19
N LEU E 33 5.40 17.09 -16.93
CA LEU E 33 6.11 15.86 -16.54
C LEU E 33 5.45 14.64 -17.20
N ILE E 34 4.12 14.63 -17.31
CA ILE E 34 3.45 13.51 -17.97
C ILE E 34 3.92 13.40 -19.43
N ALA E 35 3.96 14.53 -20.12
CA ALA E 35 4.39 14.52 -21.54
C ALA E 35 5.82 14.02 -21.65
N LYS E 36 6.71 14.54 -20.81
CA LYS E 36 8.14 14.18 -20.92
C LYS E 36 8.35 12.70 -20.63
N LEU E 37 7.74 12.19 -19.56
CA LEU E 37 7.91 10.77 -19.18
C LEU E 37 7.26 9.86 -20.23
N HIS E 38 6.14 10.31 -20.83
CA HIS E 38 5.53 9.52 -21.89
C HIS E 38 6.49 9.41 -23.10
N MET E 39 7.09 10.51 -23.49
CA MET E 39 8.08 10.47 -24.58
C MET E 39 9.24 9.56 -24.23
N SER E 40 9.73 9.65 -23.01
CA SER E 40 10.88 8.83 -22.58
C SER E 40 10.52 7.34 -22.64
N TYR E 41 9.36 6.96 -22.12
CA TYR E 41 8.96 5.55 -22.14
C TYR E 41 8.72 5.04 -23.56
N LYS E 42 8.14 5.86 -24.41
CA LYS E 42 7.92 5.44 -25.82
C LYS E 42 9.28 5.17 -26.49
N LYS E 43 10.22 6.09 -26.31
CA LYS E 43 11.56 5.90 -26.90
C LYS E 43 12.22 4.66 -26.34
N ALA E 44 12.11 4.45 -25.02
CA ALA E 44 12.75 3.29 -24.39
C ALA E 44 12.16 1.98 -24.92
N ARG E 45 10.84 1.91 -25.04
CA ARG E 45 10.19 0.70 -25.54
C ARG E 45 10.60 0.43 -26.98
N GLN E 46 10.63 1.48 -27.82
CA GLN E 46 11.01 1.30 -29.22
C GLN E 46 12.44 0.77 -29.32
N ASP E 47 13.36 1.37 -28.55
CA ASP E 47 14.75 0.92 -28.59
C ASP E 47 14.88 -0.51 -28.10
N ASP E 48 14.12 -0.84 -27.04
CA ASP E 48 14.14 -2.20 -26.50
C ASP E 48 13.73 -3.21 -27.56
N GLU E 49 12.61 -2.95 -28.21
CA GLU E 49 12.10 -3.95 -29.19
C GLU E 49 13.04 -4.02 -30.37
N HIS E 50 13.62 -2.90 -30.80
CA HIS E 50 14.57 -2.94 -31.92
C HIS E 50 15.78 -3.82 -31.55
N PHE E 51 16.33 -3.61 -30.36
CA PHE E 51 17.52 -4.38 -29.99
C PHE E 51 17.19 -5.86 -29.78
N GLN E 52 16.04 -6.15 -29.23
CA GLN E 52 15.67 -7.58 -29.08
C GLN E 52 15.57 -8.23 -30.45
N LYS E 53 14.93 -7.58 -31.37
CA LYS E 53 14.79 -8.14 -32.74
C LYS E 53 16.14 -8.28 -33.41
N MET E 54 17.06 -7.32 -33.19
CA MET E 54 18.39 -7.47 -33.79
C MET E 54 19.18 -8.61 -33.13
N PHE E 55 19.06 -8.76 -31.82
CA PHE E 55 19.85 -9.75 -31.10
C PHE E 55 19.38 -11.18 -31.38
N TRP E 56 18.06 -11.38 -31.48
CA TRP E 56 17.53 -12.69 -31.82
C TRP E 56 17.46 -12.93 -33.31
N SER E 57 17.98 -12.02 -34.14
CA SER E 57 17.95 -12.23 -35.60
C SER E 57 18.79 -13.44 -36.00
N GLY E 58 19.93 -13.61 -35.33
CA GLY E 58 20.81 -14.74 -35.60
C GLY E 58 22.23 -14.33 -35.89
N ALA E 59 22.54 -13.05 -35.74
CA ALA E 59 23.90 -12.53 -35.90
C ALA E 59 24.80 -13.09 -34.81
N GLU E 60 26.08 -13.24 -35.13
CA GLU E 60 27.04 -13.79 -34.17
C GLU E 60 27.20 -12.83 -32.99
N LEU E 61 27.46 -13.39 -31.84
CA LEU E 61 27.54 -12.62 -30.58
C LEU E 61 28.70 -11.62 -30.63
N ASN E 62 29.86 -12.02 -31.09
CA ASN E 62 31.02 -11.11 -31.11
C ASN E 62 30.77 -9.96 -32.07
N THR E 63 30.08 -10.20 -33.16
CA THR E 63 29.77 -9.16 -34.14
C THR E 63 28.87 -8.10 -33.50
N LEU E 64 27.87 -8.55 -32.78
CA LEU E 64 26.92 -7.61 -32.14
C LEU E 64 27.63 -6.87 -31.05
N TYR E 65 28.54 -7.52 -30.33
CA TYR E 65 29.33 -6.83 -29.30
C TYR E 65 30.18 -5.75 -29.94
N ASN E 66 30.80 -6.01 -31.08
CA ASN E 66 31.60 -5.00 -31.77
C ASN E 66 30.72 -3.87 -32.24
N ASN E 67 29.53 -4.18 -32.72
CA ASN E 67 28.59 -3.11 -33.15
C ASN E 67 28.22 -2.26 -31.96
N ALA E 68 28.04 -2.88 -30.79
CA ALA E 68 27.67 -2.08 -29.60
C ALA E 68 28.85 -1.22 -29.19
N GLN E 69 30.05 -1.73 -29.29
CA GLN E 69 31.23 -0.93 -28.87
C GLN E 69 31.43 0.22 -29.81
N LEU E 70 31.29 0.01 -31.10
CA LEU E 70 31.44 1.11 -32.08
C LEU E 70 30.36 2.18 -31.91
N ASN E 71 29.16 1.79 -31.52
CA ASN E 71 28.11 2.79 -31.29
C ASN E 71 28.45 3.61 -30.07
N SER E 72 28.41 4.92 -30.17
CA SER E 72 28.76 5.81 -29.05
C SER E 72 27.54 6.26 -28.24
N LYS E 73 26.35 5.99 -28.73
CA LYS E 73 25.11 6.37 -28.02
C LYS E 73 24.77 5.31 -26.98
N ARG E 74 24.49 4.10 -27.44
CA ARG E 74 24.18 2.95 -26.59
C ARG E 74 23.10 3.28 -25.57
N SER E 75 21.92 3.64 -26.05
CA SER E 75 20.83 4.09 -25.17
C SER E 75 20.10 2.88 -24.59
N GLY E 76 20.04 2.80 -23.26
CA GLY E 76 19.23 1.76 -22.62
C GLY E 76 19.85 0.37 -22.64
N LEU E 77 19.10 -0.57 -23.22
CA LEU E 77 19.40 -2.02 -23.05
C LEU E 77 20.65 -2.40 -23.85
N GLU E 78 20.96 -1.66 -24.91
CA GLU E 78 22.20 -1.92 -25.65
C GLU E 78 23.42 -1.73 -24.72
N ASP E 79 23.40 -0.68 -23.95
CA ASP E 79 24.42 -0.47 -22.91
C ASP E 79 24.42 -1.61 -21.90
N ILE E 80 23.27 -2.18 -21.61
CA ILE E 80 23.19 -3.32 -20.69
C ILE E 80 23.93 -4.51 -21.26
N PHE E 81 23.59 -4.86 -22.52
CA PHE E 81 24.33 -5.89 -23.23
C PHE E 81 25.84 -5.62 -23.18
N TYR E 82 26.20 -4.37 -23.50
CA TYR E 82 27.65 -4.07 -23.62
C TYR E 82 28.35 -4.24 -22.27
N GLN E 83 27.77 -3.75 -21.22
CA GLN E 83 28.37 -3.89 -19.87
C GLN E 83 28.45 -5.35 -19.45
N GLY E 84 27.38 -6.11 -19.66
CA GLY E 84 27.39 -7.53 -19.31
C GLY E 84 28.46 -8.30 -20.04
N LEU E 85 28.54 -8.16 -21.35
CA LEU E 85 29.54 -8.91 -22.11
C LEU E 85 30.94 -8.34 -21.90
N SER E 86 31.08 -7.06 -21.59
CA SER E 86 32.40 -6.54 -21.21
C SER E 86 32.92 -7.23 -19.95
N GLU E 87 32.06 -7.33 -18.94
CA GLU E 87 32.42 -8.07 -17.75
C GLU E 87 32.73 -9.54 -18.06
N PHE E 88 31.92 -10.15 -18.93
CA PHE E 88 32.08 -11.55 -19.23
C PHE E 88 33.42 -11.78 -19.93
N PHE E 89 33.75 -10.97 -20.89
CA PHE E 89 35.01 -11.09 -21.62
C PHE E 89 36.17 -10.75 -20.71
N LYS E 90 36.02 -9.79 -19.78
CA LYS E 90 37.11 -9.48 -18.86
C LYS E 90 37.39 -10.66 -17.93
N LEU E 91 36.35 -11.35 -17.50
CA LEU E 91 36.55 -12.51 -16.65
C LEU E 91 37.04 -13.71 -17.44
N LYS E 92 36.72 -13.78 -18.73
CA LYS E 92 37.14 -14.89 -19.57
C LYS E 92 38.60 -14.70 -19.99
N LYS E 93 39.07 -13.47 -20.05
CA LYS E 93 40.44 -13.22 -20.54
C LYS E 93 41.47 -13.89 -19.63
N ARG E 94 41.33 -13.70 -18.34
CA ARG E 94 42.07 -14.56 -17.39
C ARG E 94 41.32 -15.87 -17.18
N GLN E 95 42.03 -16.89 -16.77
CA GLN E 95 41.44 -18.21 -16.50
C GLN E 95 40.51 -18.09 -15.31
N ALA E 96 39.27 -18.57 -15.51
CA ALA E 96 38.22 -18.46 -14.50
C ALA E 96 37.19 -19.56 -14.73
N PRO E 97 36.60 -20.11 -13.67
CA PRO E 97 35.57 -21.13 -13.86
C PRO E 97 34.30 -20.53 -14.44
N THR E 98 33.53 -21.34 -15.13
CA THR E 98 32.33 -20.84 -15.83
C THR E 98 31.28 -20.27 -14.86
N SER E 99 31.15 -20.90 -13.70
CA SER E 99 30.20 -20.47 -12.67
C SER E 99 30.52 -19.07 -12.22
N GLN E 100 31.78 -18.77 -11.95
CA GLN E 100 32.16 -17.43 -11.48
C GLN E 100 31.90 -16.38 -12.58
N MET E 101 32.19 -16.74 -13.81
CA MET E 101 31.93 -15.86 -14.95
C MET E 101 30.44 -15.54 -15.03
N ILE E 102 29.59 -16.56 -14.92
CA ILE E 102 28.14 -16.31 -14.99
C ILE E 102 27.67 -15.48 -13.81
N GLU E 103 28.20 -15.73 -12.62
CA GLU E 103 27.79 -14.98 -11.44
C GLU E 103 28.19 -13.52 -11.58
N GLY E 104 29.41 -13.26 -12.06
CA GLY E 104 29.83 -11.87 -12.25
C GLY E 104 29.02 -11.16 -13.30
N THR E 105 28.72 -11.84 -14.40
CA THR E 105 27.89 -11.24 -15.46
C THR E 105 26.48 -10.96 -14.94
N GLU E 106 25.93 -11.87 -14.13
CA GLU E 106 24.62 -11.66 -13.54
C GLU E 106 24.65 -10.42 -12.65
N ARG E 107 25.71 -10.29 -11.82
CA ARG E 107 25.75 -9.13 -10.92
C ARG E 107 25.88 -7.83 -11.70
N ILE E 108 26.69 -7.81 -12.74
CA ILE E 108 26.83 -6.55 -13.52
C ILE E 108 25.54 -6.24 -14.28
N LEU E 109 24.87 -7.26 -14.79
CA LEU E 109 23.57 -7.03 -15.44
C LEU E 109 22.56 -6.47 -14.45
N ARG E 110 22.51 -7.00 -13.23
CA ARG E 110 21.57 -6.48 -12.23
C ARG E 110 21.89 -5.03 -11.87
N VAL E 111 23.17 -4.70 -11.72
CA VAL E 111 23.55 -3.32 -11.44
C VAL E 111 23.12 -2.39 -12.58
N GLY E 112 23.36 -2.87 -13.82
CA GLY E 112 22.98 -2.07 -14.99
C GLY E 112 21.50 -1.82 -15.08
N LEU E 113 20.72 -2.87 -14.89
CA LEU E 113 19.25 -2.76 -14.96
C LEU E 113 18.74 -1.84 -13.88
N SER E 114 19.26 -1.96 -12.66
CA SER E 114 18.82 -1.09 -11.56
C SER E 114 19.12 0.37 -11.90
N ARG E 115 20.36 0.63 -12.33
CA ARG E 115 20.75 2.02 -12.63
C ARG E 115 19.90 2.61 -13.76
N ASP E 116 19.75 1.85 -14.85
CA ASP E 116 19.04 2.40 -16.01
C ASP E 116 17.55 2.57 -15.71
N GLN E 117 16.96 1.65 -14.96
CA GLN E 117 15.54 1.78 -14.63
C GLN E 117 15.32 2.92 -13.67
N GLY E 118 16.24 3.15 -12.72
CA GLY E 118 16.14 4.35 -11.89
C GLY E 118 16.26 5.62 -12.71
N SER E 119 17.15 5.61 -13.72
CA SER E 119 17.30 6.76 -14.61
C SER E 119 16.11 6.90 -15.54
N LEU E 120 15.27 5.86 -15.69
CA LEU E 120 14.16 5.99 -16.64
C LEU E 120 12.96 6.72 -16.02
N GLU E 121 12.55 6.31 -14.83
CA GLU E 121 11.46 6.95 -14.09
C GLU E 121 11.98 8.22 -13.40
N TYR E 122 11.97 9.30 -14.16
CA TYR E 122 12.64 10.54 -13.71
C TYR E 122 11.85 11.23 -12.63
N GLY E 123 10.66 11.73 -12.98
CA GLY E 123 9.90 12.60 -12.08
C GLY E 123 8.69 11.96 -11.46
N LEU E 124 8.68 10.64 -11.34
CA LEU E 124 7.47 9.94 -10.85
C LEU E 124 7.16 10.33 -9.41
N GLY E 125 8.18 10.49 -8.60
CA GLY E 125 7.98 10.93 -7.21
C GLY E 125 7.33 12.29 -7.13
N THR E 126 7.67 13.17 -8.06
CA THR E 126 7.04 14.50 -8.10
C THR E 126 5.55 14.39 -8.37
N LEU E 127 5.16 13.52 -9.29
CA LEU E 127 3.72 13.27 -9.52
C LEU E 127 3.08 12.68 -8.27
N ALA E 128 3.78 11.78 -7.58
CA ALA E 128 3.25 11.23 -6.34
C ALA E 128 2.96 12.34 -5.33
N SER E 129 3.93 13.22 -5.15
CA SER E 129 3.80 14.32 -4.18
C SER E 129 2.67 15.26 -4.57
N ILE E 130 2.57 15.60 -5.85
CA ILE E 130 1.51 16.52 -6.32
C ILE E 130 0.15 15.88 -6.10
N GLY E 131 0.01 14.63 -6.51
CA GLY E 131 -1.28 13.94 -6.36
C GLY E 131 -1.66 13.71 -4.95
N SER E 132 -0.67 13.66 -4.03
CA SER E 132 -0.98 13.45 -2.62
C SER E 132 -1.22 14.75 -1.87
N VAL E 133 -0.71 15.85 -2.32
CA VAL E 133 -0.72 17.12 -1.55
C VAL E 133 -1.68 18.16 -2.13
N ALA E 134 -1.91 18.15 -3.42
CA ALA E 134 -2.81 19.15 -4.03
C ALA E 134 -4.22 19.18 -3.41
N PRO E 135 -4.88 18.04 -3.13
CA PRO E 135 -6.15 18.11 -2.44
C PRO E 135 -6.08 18.77 -1.07
N TYR E 136 -4.99 18.66 -0.35
CA TYR E 136 -4.85 19.36 0.95
C TYR E 136 -4.70 20.87 0.77
N ILE E 137 -4.04 21.29 -0.29
CA ILE E 137 -3.96 22.74 -0.59
C ILE E 137 -5.35 23.26 -0.95
N GLY E 138 -6.08 22.50 -1.74
CA GLY E 138 -7.47 22.83 -2.04
C GLY E 138 -8.31 22.89 -0.77
N LEU E 139 -8.05 22.00 0.16
CA LEU E 139 -8.74 22.00 1.45
C LEU E 139 -8.43 23.28 2.24
N PHE E 140 -7.19 23.69 2.23
CA PHE E 140 -6.79 24.93 2.91
C PHE E 140 -7.51 26.11 2.28
N GLY E 141 -7.58 26.12 0.95
CA GLY E 141 -8.36 27.16 0.26
C GLY E 141 -9.83 27.16 0.69
N THR E 142 -10.43 25.97 0.79
CA THR E 142 -11.81 25.84 1.24
C THR E 142 -12.02 26.37 2.66
N VAL E 143 -11.11 26.03 3.55
CA VAL E 143 -11.20 26.49 4.95
C VAL E 143 -11.09 28.02 4.98
N TRP E 144 -10.16 28.58 4.23
CA TRP E 144 -10.05 30.04 4.22
C TRP E 144 -11.28 30.71 3.62
N GLY E 145 -11.84 30.11 2.60
CA GLY E 145 -13.09 30.64 2.01
C GLY E 145 -14.23 30.62 2.97
N ILE E 146 -14.41 29.54 3.72
CA ILE E 146 -15.50 29.45 4.71
C ILE E 146 -15.25 30.47 5.82
N MET E 147 -14.01 30.59 6.25
CA MET E 147 -13.62 31.64 7.22
C MET E 147 -14.02 33.04 6.75
N ASN E 148 -13.69 33.37 5.51
CA ASN E 148 -14.02 34.70 4.98
C ASN E 148 -15.51 34.87 4.82
N ALA E 149 -16.22 33.85 4.44
CA ALA E 149 -17.70 33.87 4.39
C ALA E 149 -18.28 34.18 5.75
N PHE E 150 -17.76 33.55 6.81
CA PHE E 150 -18.23 33.85 8.17
C PHE E 150 -17.90 35.28 8.63
N ILE E 151 -16.70 35.74 8.29
CA ILE E 151 -16.29 37.11 8.63
C ILE E 151 -17.22 38.12 7.92
N GLY E 152 -17.49 37.89 6.63
CA GLY E 152 -18.40 38.75 5.92
C GLY E 152 -19.81 38.69 6.48
N LEU E 153 -20.24 37.54 6.94
CA LEU E 153 -21.56 37.34 7.54
C LEU E 153 -21.65 38.10 8.85
N ALA E 154 -20.56 38.27 9.58
CA ALA E 154 -20.61 38.88 10.90
C ALA E 154 -20.78 40.39 10.82
N ALA E 155 -21.15 40.94 9.65
CA ALA E 155 -21.29 42.38 9.48
C ALA E 155 -22.70 42.74 8.98
N VAL E 156 -23.28 41.90 8.17
CA VAL E 156 -24.60 42.16 7.58
C VAL E 156 -25.67 42.10 8.67
N ASP E 157 -26.61 43.03 8.63
CA ASP E 157 -27.67 43.13 9.68
C ASP E 157 -28.52 41.86 9.69
N GLN E 158 -28.95 41.40 8.52
CA GLN E 158 -29.80 40.21 8.43
C GLN E 158 -29.22 39.26 7.39
N VAL E 159 -29.05 38.01 7.76
CA VAL E 159 -28.39 37.04 6.86
C VAL E 159 -29.44 36.32 6.02
N THR E 160 -29.19 36.26 4.73
CA THR E 160 -29.97 35.44 3.80
C THR E 160 -29.02 34.44 3.13
N LEU E 161 -29.55 33.68 2.20
CA LEU E 161 -28.73 32.77 1.36
C LEU E 161 -27.94 33.55 0.34
N ALA E 162 -28.42 34.69 -0.10
CA ALA E 162 -27.69 35.53 -1.07
C ALA E 162 -26.47 36.19 -0.42
N THR E 163 -26.46 36.33 0.89
CA THR E 163 -25.31 36.93 1.57
C THR E 163 -24.24 35.93 1.94
N VAL E 164 -24.52 34.65 1.73
CA VAL E 164 -23.51 33.60 2.10
C VAL E 164 -23.11 32.79 0.88
N ALA E 165 -23.96 32.78 -0.17
CA ALA E 165 -23.66 32.01 -1.38
C ALA E 165 -22.30 32.36 -2.01
N PRO E 166 -21.91 33.64 -2.22
CA PRO E 166 -20.64 33.90 -2.89
C PRO E 166 -19.41 33.48 -2.08
N GLY E 167 -19.56 33.34 -0.77
CA GLY E 167 -18.45 32.85 0.01
C GLY E 167 -18.27 31.36 -0.10
N ILE E 168 -19.38 30.65 0.00
CA ILE E 168 -19.34 29.18 -0.13
C ILE E 168 -18.93 28.81 -1.54
N ALA E 169 -19.29 29.58 -2.52
CA ALA E 169 -18.88 29.35 -3.92
C ALA E 169 -17.37 29.43 -4.02
N GLU E 170 -16.75 30.41 -3.38
CA GLU E 170 -15.28 30.54 -3.39
C GLU E 170 -14.65 29.33 -2.67
N ALA E 171 -15.23 28.97 -1.52
CA ALA E 171 -14.69 27.85 -0.76
C ALA E 171 -14.77 26.52 -1.52
N LEU E 172 -15.77 26.44 -2.38
CA LEU E 172 -16.00 25.20 -3.17
C LEU E 172 -15.18 25.20 -4.44
N ILE E 173 -14.97 26.33 -5.07
CA ILE E 173 -14.14 26.39 -6.28
C ILE E 173 -12.71 26.14 -5.88
N ALA E 174 -12.29 26.50 -4.67
CA ALA E 174 -10.93 26.16 -4.20
C ALA E 174 -10.71 24.64 -4.24
N THR E 175 -11.57 23.88 -3.63
CA THR E 175 -11.41 22.42 -3.61
C THR E 175 -11.75 21.83 -4.97
N ALA E 176 -12.56 22.45 -5.79
CA ALA E 176 -12.74 21.97 -7.18
C ALA E 176 -11.43 22.05 -7.95
N ILE E 177 -10.74 23.17 -7.84
CA ILE E 177 -9.41 23.30 -8.48
C ILE E 177 -8.44 22.33 -7.85
N GLY E 178 -8.54 22.12 -6.55
CA GLY E 178 -7.73 21.10 -5.88
C GLY E 178 -7.87 19.70 -6.48
N LEU E 179 -9.09 19.29 -6.64
CA LEU E 179 -9.39 17.96 -7.23
C LEU E 179 -8.96 17.95 -8.69
N PHE E 180 -9.08 19.04 -9.43
CA PHE E 180 -8.68 19.09 -10.82
C PHE E 180 -7.19 18.87 -10.95
N ALA E 181 -6.37 19.27 -9.98
CA ALA E 181 -4.93 19.14 -10.06
C ALA E 181 -4.42 17.82 -9.49
N ALA E 182 -5.30 16.91 -9.14
CA ALA E 182 -4.90 15.60 -8.59
C ALA E 182 -5.29 14.43 -9.47
N ILE E 183 -6.24 14.60 -10.38
CA ILE E 183 -6.61 13.51 -11.33
C ILE E 183 -5.45 13.21 -12.29
N PRO E 184 -4.88 14.19 -13.03
CA PRO E 184 -3.79 13.85 -13.93
C PRO E 184 -2.55 13.29 -13.24
N ALA E 185 -2.37 13.64 -11.97
CA ALA E 185 -1.23 13.17 -11.18
C ALA E 185 -1.39 11.72 -10.76
N VAL E 186 -2.52 11.39 -10.15
CA VAL E 186 -2.79 10.01 -9.71
C VAL E 186 -2.88 9.08 -10.88
N LEU E 187 -3.61 9.45 -11.91
CA LEU E 187 -3.73 8.58 -13.12
C LEU E 187 -2.37 8.34 -13.72
N ALA E 188 -1.58 9.39 -13.96
CA ALA E 188 -0.26 9.21 -14.59
C ALA E 188 0.66 8.41 -13.71
N PHE E 189 0.64 8.64 -12.39
CA PHE E 189 1.53 7.88 -11.49
C PHE E 189 1.21 6.39 -11.58
N ASN E 190 -0.07 6.06 -11.48
CA ASN E 190 -0.44 4.63 -11.51
C ASN E 190 -0.09 4.00 -12.85
N HIS E 191 -0.48 4.64 -13.94
CA HIS E 191 -0.27 4.07 -15.28
C HIS E 191 1.21 3.95 -15.56
N PHE E 192 1.98 4.95 -15.18
CA PHE E 192 3.43 4.96 -15.48
C PHE E 192 4.21 4.02 -14.58
N THR E 193 3.80 3.82 -13.34
CA THR E 193 4.50 2.79 -12.53
C THR E 193 4.16 1.40 -13.05
N ALA E 194 2.94 1.20 -13.56
CA ALA E 194 2.62 -0.08 -14.22
C ALA E 194 3.49 -0.27 -15.46
N LYS E 195 3.63 0.75 -16.27
CA LYS E 195 4.49 0.66 -17.47
C LYS E 195 5.94 0.44 -17.08
N SER E 196 6.41 1.08 -16.02
CA SER E 196 7.79 0.91 -15.54
C SER E 196 8.01 -0.54 -15.11
N GLU E 197 7.04 -1.11 -14.37
CA GLU E 197 7.17 -2.51 -13.99
C GLU E 197 7.22 -3.41 -15.22
N SER E 198 6.38 -3.13 -16.20
CA SER E 198 6.37 -3.94 -17.44
C SER E 198 7.72 -3.87 -18.14
N VAL E 199 8.26 -2.67 -18.27
CA VAL E 199 9.53 -2.49 -18.99
C VAL E 199 10.65 -3.18 -18.23
N TYR E 200 10.67 -3.04 -16.91
CA TYR E 200 11.73 -3.67 -16.13
C TYR E 200 11.64 -5.19 -16.20
N SER E 201 10.44 -5.72 -16.16
CA SER E 201 10.24 -7.19 -16.28
C SER E 201 10.72 -7.67 -17.65
N ASP E 202 10.41 -6.92 -18.71
CA ASP E 202 10.86 -7.31 -20.05
C ASP E 202 12.38 -7.31 -20.12
N ARG E 203 13.01 -6.26 -19.56
CA ARG E 203 14.48 -6.20 -19.58
C ARG E 203 15.09 -7.34 -18.78
N ALA E 204 14.51 -7.67 -17.63
CA ALA E 204 15.03 -8.77 -16.79
C ALA E 204 14.90 -10.10 -17.52
N LEU E 205 13.78 -10.33 -18.19
CA LEU E 205 13.62 -11.58 -18.95
C LEU E 205 14.64 -11.65 -20.08
N PHE E 206 14.88 -10.53 -20.74
CA PHE E 206 15.91 -10.54 -21.79
C PHE E 206 17.28 -10.84 -21.20
N ALA E 207 17.56 -10.28 -20.02
CA ALA E 207 18.86 -10.54 -19.37
C ALA E 207 18.99 -12.01 -19.01
N GLU E 208 17.94 -12.63 -18.55
CA GLU E 208 17.97 -14.08 -18.24
C GLU E 208 18.21 -14.89 -19.51
N GLU E 209 17.58 -14.53 -20.59
CA GLU E 209 17.84 -15.23 -21.87
C GLU E 209 19.30 -15.00 -22.33
N MET E 210 19.83 -13.81 -22.10
CA MET E 210 21.25 -13.56 -22.32
C MET E 210 22.13 -14.52 -21.53
N ILE E 211 21.83 -14.67 -20.26
CA ILE E 211 22.61 -15.57 -19.38
C ILE E 211 22.49 -17.01 -19.89
N ALA E 212 21.31 -17.39 -20.32
CA ALA E 212 21.11 -18.75 -20.87
C ALA E 212 21.99 -18.97 -22.10
N LEU E 213 21.98 -18.01 -23.02
CA LEU E 213 22.83 -18.12 -24.22
C LEU E 213 24.33 -18.16 -23.88
N LEU E 214 24.75 -17.31 -22.98
CA LEU E 214 26.18 -17.28 -22.58
C LEU E 214 26.60 -18.58 -21.93
N GLN E 215 25.76 -19.12 -21.02
CA GLN E 215 26.08 -20.41 -20.39
C GLN E 215 26.11 -21.53 -21.45
N ARG E 216 25.15 -21.54 -22.36
CA ARG E 216 25.11 -22.57 -23.41
C ARG E 216 26.35 -22.50 -24.32
N GLN E 217 26.80 -21.31 -24.69
CA GLN E 217 28.00 -21.19 -25.50
C GLN E 217 29.26 -21.54 -24.68
N SER E 218 29.25 -21.26 -23.38
CA SER E 218 30.42 -21.50 -22.55
C SER E 218 30.62 -23.01 -22.30
N VAL E 219 29.55 -23.75 -22.10
CA VAL E 219 29.67 -25.18 -21.80
C VAL E 219 30.27 -25.92 -23.01
N GLY E 220 29.82 -25.61 -24.21
CA GLY E 220 30.43 -26.18 -25.40
C GLY E 220 30.12 -27.66 -25.58
N GLY F 1 12.95 -13.63 -10.06
CA GLY F 1 13.33 -14.09 -8.70
C GLY F 1 14.79 -13.89 -8.42
N ARG F 2 15.55 -13.44 -9.42
CA ARG F 2 17.00 -13.23 -9.26
C ARG F 2 17.44 -11.84 -9.72
N PHE F 3 16.77 -11.21 -10.68
CA PHE F 3 17.18 -9.89 -11.21
C PHE F 3 16.28 -8.79 -10.71
N GLU F 4 15.90 -8.82 -9.45
CA GLU F 4 15.02 -7.79 -8.88
C GLU F 4 15.74 -6.47 -8.80
N ARG F 5 14.98 -5.42 -8.70
CA ARG F 5 15.52 -4.05 -8.60
C ARG F 5 16.30 -3.88 -7.30
N ILE F 6 17.30 -3.03 -7.33
CA ILE F 6 18.09 -2.65 -6.16
C ILE F 6 17.54 -1.31 -5.68
N LYS F 7 16.68 -1.37 -4.65
CA LYS F 7 16.00 -0.19 -4.13
C LYS F 7 15.60 -0.46 -2.70
N LYS F 8 15.49 0.59 -1.94
CA LYS F 8 15.00 0.47 -0.54
C LYS F 8 13.50 0.23 -0.58
N PRO F 9 13.01 -0.80 0.12
CA PRO F 9 11.59 -1.15 -0.02
C PRO F 9 10.71 -0.06 0.60
N LEU F 10 9.58 0.21 -0.08
CA LEU F 10 8.72 1.32 0.31
C LEU F 10 7.55 0.80 1.12
N LYS F 11 7.23 1.53 2.19
CA LYS F 11 6.17 1.13 3.12
C LYS F 11 5.01 2.09 2.97
N SER F 12 3.82 1.53 2.78
CA SER F 12 2.57 2.31 2.69
C SER F 12 2.04 2.57 4.11
N ASP F 13 1.23 3.60 4.22
CA ASP F 13 0.58 3.99 5.48
C ASP F 13 -0.89 3.69 5.39
N MET F 14 -1.50 3.34 6.50
CA MET F 14 -2.97 3.16 6.53
C MET F 14 -3.61 4.52 6.30
N ASN F 15 -4.26 4.66 5.16
CA ASN F 15 -4.83 5.97 4.80
C ASN F 15 -5.91 6.38 5.79
N VAL F 16 -5.76 7.60 6.31
CA VAL F 16 -6.74 8.12 7.30
C VAL F 16 -7.79 8.91 6.53
N VAL F 17 -9.05 8.71 6.90
CA VAL F 17 -10.15 9.43 6.19
C VAL F 17 -10.14 10.87 6.66
N PRO F 18 -10.15 11.86 5.74
CA PRO F 18 -10.08 13.28 6.13
C PRO F 18 -11.40 13.78 6.71
N TYR F 19 -11.38 14.12 8.00
CA TYR F 19 -12.57 14.70 8.64
C TYR F 19 -12.57 16.21 8.52
N ILE F 20 -11.50 16.83 8.06
CA ILE F 20 -11.50 18.30 7.99
C ILE F 20 -12.57 18.79 7.02
N ASP F 21 -12.60 18.22 5.84
CA ASP F 21 -13.62 18.59 4.83
C ASP F 21 -14.99 18.10 5.25
N VAL F 22 -15.07 17.07 6.09
CA VAL F 22 -16.35 16.69 6.70
C VAL F 22 -16.87 17.82 7.59
N MET F 23 -16.00 18.40 8.39
CA MET F 23 -16.41 19.48 9.27
C MET F 23 -16.80 20.71 8.42
N LEU F 24 -16.05 20.94 7.34
CA LEU F 24 -16.46 22.03 6.43
C LEU F 24 -17.87 21.77 5.88
N VAL F 25 -18.18 20.53 5.53
CA VAL F 25 -19.49 20.19 5.01
C VAL F 25 -20.56 20.43 6.07
N LEU F 26 -20.30 20.03 7.30
CA LEU F 26 -21.27 20.29 8.37
C LEU F 26 -21.48 21.79 8.56
N LEU F 27 -20.42 22.58 8.51
CA LEU F 27 -20.58 24.02 8.64
C LEU F 27 -21.38 24.59 7.46
N VAL F 28 -21.17 24.06 6.28
CA VAL F 28 -21.98 24.50 5.11
C VAL F 28 -23.46 24.16 5.32
N ILE F 29 -23.75 22.97 5.81
CA ILE F 29 -25.14 22.57 6.10
C ILE F 29 -25.77 23.52 7.14
N PHE F 30 -25.00 23.81 8.19
CA PHE F 30 -25.50 24.74 9.21
C PHE F 30 -25.79 26.12 8.61
N MET F 31 -24.86 26.59 7.78
CA MET F 31 -24.98 27.92 7.19
C MET F 31 -26.17 28.00 6.22
N VAL F 32 -26.51 26.91 5.55
CA VAL F 32 -27.59 26.95 4.58
C VAL F 32 -28.93 26.65 5.24
N THR F 33 -28.96 25.93 6.38
CA THR F 33 -30.26 25.63 6.99
C THR F 33 -30.60 26.54 8.17
N ALA F 34 -29.65 27.31 8.67
CA ALA F 34 -29.96 28.11 9.89
C ALA F 34 -30.93 29.27 9.60
N PRO F 35 -30.70 30.14 8.61
CA PRO F 35 -31.59 31.28 8.45
C PRO F 35 -33.08 30.95 8.26
N MET F 36 -33.37 29.81 7.65
CA MET F 36 -34.78 29.43 7.44
C MET F 36 -35.37 28.87 8.73
N ILE F 37 -34.63 28.02 9.45
CA ILE F 37 -35.19 27.36 10.63
C ILE F 37 -35.21 28.26 11.87
N THR F 38 -34.36 29.26 11.93
CA THR F 38 -34.36 30.15 13.11
C THR F 38 -35.40 31.26 12.98
N SER F 39 -36.01 31.42 11.80
CA SER F 39 -36.97 32.51 11.57
C SER F 39 -38.03 32.08 10.56
N PHE G 3 19.06 -10.40 5.75
CA PHE G 3 17.97 -10.65 6.74
C PHE G 3 16.64 -10.13 6.20
N GLU G 4 15.61 -10.94 6.40
CA GLU G 4 14.24 -10.58 5.93
C GLU G 4 13.24 -10.95 7.01
N ARG G 5 12.25 -10.07 7.20
CA ARG G 5 11.11 -10.43 8.06
C ARG G 5 10.23 -11.44 7.34
N ILE G 6 9.66 -12.37 8.10
CA ILE G 6 8.82 -13.44 7.53
C ILE G 6 7.35 -13.03 7.61
N LYS G 7 6.82 -12.52 6.54
CA LYS G 7 5.37 -12.24 6.44
C LYS G 7 5.03 -12.10 4.96
N LYS G 8 3.86 -12.56 4.53
CA LYS G 8 3.63 -12.44 3.09
C LYS G 8 2.75 -11.22 2.86
N PRO G 9 3.03 -10.41 1.83
CA PRO G 9 2.13 -9.35 1.39
C PRO G 9 0.88 -9.87 0.66
N LEU G 10 -0.22 -9.22 0.92
CA LEU G 10 -1.52 -9.48 0.27
C LEU G 10 -1.77 -8.44 -0.83
N LYS G 11 -2.32 -8.89 -1.92
CA LYS G 11 -2.51 -8.03 -3.11
C LYS G 11 -3.85 -7.34 -3.11
N SER G 12 -4.92 -7.94 -2.58
CA SER G 12 -6.21 -7.25 -2.56
C SER G 12 -6.20 -6.14 -1.53
N ASP G 13 -6.64 -4.95 -1.95
CA ASP G 13 -6.70 -3.80 -1.05
C ASP G 13 -8.10 -3.21 -1.03
N MET G 14 -8.48 -2.64 0.10
CA MET G 14 -9.83 -2.08 0.27
C MET G 14 -9.79 -0.58 0.05
N ASN G 15 -10.92 -0.06 -0.38
CA ASN G 15 -11.09 1.36 -0.72
C ASN G 15 -11.49 2.18 0.50
N VAL G 16 -11.17 3.46 0.47
CA VAL G 16 -11.65 4.39 1.52
C VAL G 16 -13.17 4.50 1.43
N VAL G 17 -13.79 4.58 2.58
CA VAL G 17 -15.25 4.75 2.68
C VAL G 17 -15.65 6.01 1.91
N PRO G 18 -16.71 5.97 1.10
CA PRO G 18 -17.19 7.19 0.44
C PRO G 18 -17.86 8.13 1.44
N TYR G 19 -17.09 8.57 2.42
CA TYR G 19 -17.64 9.36 3.54
C TYR G 19 -17.99 10.75 3.03
N ILE G 20 -17.10 11.35 2.25
CA ILE G 20 -17.32 12.69 1.65
C ILE G 20 -18.46 12.64 0.65
N ASP G 21 -18.55 11.59 -0.13
CA ASP G 21 -19.68 11.49 -1.07
C ASP G 21 -21.03 11.48 -0.35
N VAL G 22 -21.14 10.71 0.71
CA VAL G 22 -22.40 10.65 1.48
C VAL G 22 -22.64 11.99 2.14
N MET G 23 -21.60 12.65 2.64
CA MET G 23 -21.78 13.97 3.25
C MET G 23 -22.24 15.00 2.24
N LEU G 24 -21.76 14.95 0.99
CA LEU G 24 -22.20 15.91 -0.02
C LEU G 24 -23.61 15.55 -0.46
N VAL G 25 -23.98 14.27 -0.41
CA VAL G 25 -25.39 13.92 -0.68
C VAL G 25 -26.29 14.54 0.39
N LEU G 26 -25.87 14.43 1.65
CA LEU G 26 -26.65 15.03 2.75
C LEU G 26 -26.70 16.53 2.58
N LEU G 27 -25.64 17.15 2.13
CA LEU G 27 -25.64 18.60 1.88
C LEU G 27 -26.63 18.95 0.78
N VAL G 28 -26.71 18.13 -0.25
CA VAL G 28 -27.66 18.36 -1.35
C VAL G 28 -29.07 18.26 -0.81
N ILE G 29 -29.34 17.22 -0.01
CA ILE G 29 -30.69 17.02 0.58
C ILE G 29 -31.03 18.23 1.41
N PHE G 30 -30.10 18.75 2.21
CA PHE G 30 -30.44 19.86 3.11
C PHE G 30 -30.61 21.13 2.31
N MET G 31 -29.83 21.36 1.28
CA MET G 31 -29.95 22.61 0.52
C MET G 31 -31.20 22.59 -0.34
N VAL G 32 -31.71 21.41 -0.67
CA VAL G 32 -33.00 21.37 -1.41
C VAL G 32 -34.20 21.37 -0.46
N THR G 33 -34.03 20.91 0.76
CA THR G 33 -35.13 20.85 1.74
C THR G 33 -35.32 22.18 2.46
N ALA G 34 -34.24 22.94 2.65
CA ALA G 34 -34.24 24.22 3.34
C ALA G 34 -35.31 25.19 2.82
N PRO G 35 -35.40 25.50 1.49
CA PRO G 35 -36.36 26.49 1.05
C PRO G 35 -37.81 25.98 1.06
N MET G 36 -38.02 24.74 1.47
CA MET G 36 -39.36 24.14 1.51
C MET G 36 -39.99 24.34 2.89
N ILE G 37 -39.18 24.40 3.94
CA ILE G 37 -39.72 24.58 5.29
C ILE G 37 -40.10 26.06 5.49
N THR G 38 -41.25 26.28 6.14
CA THR G 38 -41.73 27.62 6.48
C THR G 38 -42.24 27.60 7.91
N SER G 39 -41.38 27.94 8.83
CA SER G 39 -41.70 27.98 10.29
C SER G 39 -42.26 26.63 10.76
#